data_3S3J
#
_entry.id   3S3J
#
_cell.length_a   72.470
_cell.length_b   72.470
_cell.length_c   316.461
_cell.angle_alpha   90.00
_cell.angle_beta   90.00
_cell.angle_gamma   90.00
#
_symmetry.space_group_name_H-M   'P 41 21 2'
#
loop_
_entity.id
_entity.type
_entity.pdbx_description
1 polymer 'Protein-glutamine gamma-glutamyltransferase 2'
2 polymer 'Peptide inhibitor'
3 non-polymer 'SULFATE ION'
4 non-polymer GLYCEROL
5 water water
#
loop_
_entity_poly.entity_id
_entity_poly.type
_entity_poly.pdbx_seq_one_letter_code
_entity_poly.pdbx_strand_id
1 'polypeptide(L)'
;MAHHHHHHAEELVLERCDLELETNGRDHHTADLCREKLVVRRGQPFWLTLHFEGRNYEASVDSLTFSVVTGPAPSQEAGT
KARFPLRDAVEEGDWTATVVDQQDCTLSLQLTTPANAPIGLYRLSLEASTGYQGSSFVLGHFILLFNAWCPADAVYLDSE
EERQEYVLTQQGFIYQGSAKFIKNIPWNFGQFEDGILDICLILLDVNPKFLKNAGRDCSRRSSPVYVGRVVSGMVNCNDD
QGVLLGRWDNNYGDGVSPMSWIGSVDILRRWKNHGCQRVKYGQCWVFAAVACTVLRCLGIPTRVVTNYNSAHDQNSNLLI
EYFRNEFGEIQGDKSEMIWNFHCWVESWMTRPDLQPGYEGWQALDPTPQEKSEGTYCCGPVPVRAIKEGDLSTKYDAPFV
FAEVNADVVDWIQQDDGSVHKSINRSLIVGLKISTKSVGRDEREDITHTYKYPEGSSEEREAFTRANHLNKLAEKEETGM
AMRIRVGQSMNMGSDFDVFAHITNNTAEEYVCRLLLCARTVSYNGILGPECGTKYLLNLNLEPFSEKSVPLCILYEKYRD
CLTESNLIKVRALLVEPVINSYLLAERDLYLENPEIKIRILGEPKQKRKLVAEVSLQNPLPVALEGCTFTVEGAGLTEEQ
KTVEIPDPVEAGEEVKVRMDLLPLHMGLHKLVVNFESDKLKAVKGFRNVIIGPA
;
A
2 'polypeptide(L)' (PHQ)(02Y)VPL B
#
# COMPACT_ATOMS: atom_id res chain seq x y z
N ALA A 9 9.71 -70.01 -10.58
CA ALA A 9 10.34 -68.76 -10.15
C ALA A 9 9.59 -68.10 -8.98
N GLU A 10 10.11 -68.29 -7.78
CA GLU A 10 9.53 -67.70 -6.57
C GLU A 10 9.26 -66.22 -6.75
N GLU A 11 8.14 -65.75 -6.22
CA GLU A 11 7.83 -64.32 -6.28
C GLU A 11 8.74 -63.55 -5.31
N LEU A 12 9.29 -62.44 -5.79
CA LEU A 12 10.16 -61.61 -4.95
C LEU A 12 9.46 -61.27 -3.65
N VAL A 13 10.19 -61.36 -2.55
CA VAL A 13 9.64 -60.95 -1.28
C VAL A 13 10.33 -59.65 -0.82
N LEU A 14 9.62 -58.53 -0.87
CA LEU A 14 10.18 -57.28 -0.38
C LEU A 14 10.18 -57.29 1.14
N GLU A 15 11.37 -57.19 1.71
CA GLU A 15 11.50 -57.14 3.14
C GLU A 15 11.30 -55.70 3.65
N ARG A 16 12.13 -54.78 3.18
CA ARG A 16 11.99 -53.37 3.55
C ARG A 16 12.54 -52.40 2.51
N CYS A 17 12.02 -51.17 2.55
CA CYS A 17 12.49 -50.11 1.69
C CYS A 17 13.22 -49.06 2.52
N ASP A 18 14.51 -48.87 2.26
CA ASP A 18 15.27 -47.83 2.92
C ASP A 18 15.22 -46.52 2.13
N LEU A 19 14.81 -45.44 2.79
CA LEU A 19 14.65 -44.15 2.13
C LEU A 19 15.91 -43.31 2.01
N GLU A 20 17.02 -43.84 2.52
CA GLU A 20 18.29 -43.16 2.47
C GLU A 20 18.12 -41.69 2.90
N LEU A 21 17.49 -41.49 4.06
CA LEU A 21 17.29 -40.15 4.61
C LEU A 21 18.59 -39.34 4.65
N GLU A 22 19.65 -39.97 5.13
CA GLU A 22 20.94 -39.29 5.28
C GLU A 22 21.55 -38.83 3.97
N THR A 23 21.73 -39.75 3.02
CA THR A 23 22.37 -39.37 1.77
C THR A 23 21.43 -38.46 0.95
N ASN A 24 20.13 -38.70 1.05
CA ASN A 24 19.17 -37.85 0.33
C ASN A 24 19.11 -36.40 0.85
N GLY A 25 18.94 -36.23 2.16
CA GLY A 25 18.87 -34.91 2.75
C GLY A 25 20.10 -34.06 2.44
N ARG A 26 21.26 -34.64 2.70
CA ARG A 26 22.55 -34.02 2.37
C ARG A 26 22.55 -33.52 0.93
N ASP A 27 22.18 -34.40 0.01
CA ASP A 27 22.28 -34.11 -1.42
C ASP A 27 21.23 -33.13 -1.92
N HIS A 28 20.07 -33.13 -1.27
CA HIS A 28 18.97 -32.27 -1.67
C HIS A 28 18.88 -31.00 -0.83
N HIS A 29 19.81 -30.85 0.10
CA HIS A 29 19.82 -29.68 0.99
C HIS A 29 18.50 -29.63 1.73
N THR A 30 18.10 -30.77 2.29
CA THR A 30 16.89 -30.94 3.05
C THR A 30 17.17 -31.78 4.28
N ALA A 31 18.43 -31.86 4.69
CA ALA A 31 18.82 -32.70 5.82
C ALA A 31 17.99 -32.44 7.09
N ASP A 32 17.85 -31.18 7.48
CA ASP A 32 17.05 -30.82 8.66
C ASP A 32 15.60 -31.26 8.57
N LEU A 33 15.08 -31.32 7.34
CA LEU A 33 13.68 -31.68 7.11
C LEU A 33 13.51 -33.18 7.04
N CYS A 34 14.58 -33.90 6.82
CA CYS A 34 14.48 -35.36 6.78
C CYS A 34 14.48 -35.91 8.20
N ARG A 35 13.41 -35.62 8.93
CA ARG A 35 13.24 -36.10 10.30
C ARG A 35 13.20 -37.63 10.31
N GLU A 36 12.03 -38.17 10.00
CA GLU A 36 11.88 -39.60 9.75
C GLU A 36 11.08 -39.78 8.46
N LYS A 37 10.67 -38.66 7.85
CA LYS A 37 10.07 -38.70 6.53
C LYS A 37 11.05 -38.15 5.50
N LEU A 38 11.05 -38.75 4.31
CA LEU A 38 11.91 -38.29 3.23
C LEU A 38 11.39 -37.02 2.56
N VAL A 39 12.26 -36.02 2.46
CA VAL A 39 11.94 -34.79 1.76
C VAL A 39 12.99 -34.54 0.66
N VAL A 40 12.55 -34.24 -0.55
CA VAL A 40 13.51 -34.09 -1.64
C VAL A 40 13.15 -32.92 -2.51
N ARG A 41 14.04 -32.56 -3.43
CA ARG A 41 13.74 -31.47 -4.35
C ARG A 41 13.58 -32.00 -5.77
N ARG A 42 12.73 -31.32 -6.54
CA ARG A 42 12.30 -31.84 -7.82
C ARG A 42 13.37 -31.70 -8.91
N GLY A 43 13.30 -32.55 -9.92
CA GLY A 43 14.18 -32.45 -11.09
C GLY A 43 15.60 -32.93 -10.82
N GLN A 44 15.79 -33.52 -9.64
CA GLN A 44 17.07 -34.03 -9.18
C GLN A 44 16.93 -35.49 -8.72
N PRO A 45 17.88 -36.37 -9.13
CA PRO A 45 17.79 -37.78 -8.75
C PRO A 45 17.81 -38.00 -7.23
N PHE A 46 17.09 -39.01 -6.75
CA PHE A 46 17.22 -39.42 -5.35
C PHE A 46 17.21 -40.93 -5.22
N TRP A 47 17.52 -41.41 -4.02
CA TRP A 47 17.92 -42.79 -3.87
C TRP A 47 17.07 -43.55 -2.88
N LEU A 48 16.96 -44.86 -3.12
CA LEU A 48 16.32 -45.76 -2.20
C LEU A 48 16.78 -47.19 -2.46
N THR A 49 16.66 -48.04 -1.44
CA THR A 49 17.24 -49.36 -1.50
C THR A 49 16.24 -50.39 -1.03
N LEU A 50 15.95 -51.35 -1.90
CA LEU A 50 15.05 -52.44 -1.54
C LEU A 50 15.84 -53.61 -0.98
N HIS A 51 15.40 -54.11 0.17
CA HIS A 51 15.97 -55.31 0.76
C HIS A 51 14.99 -56.45 0.52
N PHE A 52 15.46 -57.50 -0.16
CA PHE A 52 14.62 -58.65 -0.45
C PHE A 52 14.85 -59.82 0.48
N GLU A 53 13.79 -60.57 0.71
CA GLU A 53 13.85 -61.84 1.41
C GLU A 53 14.02 -62.93 0.36
N GLY A 54 15.13 -63.64 0.39
CA GLY A 54 15.37 -64.69 -0.59
C GLY A 54 16.08 -64.16 -1.82
N ARG A 55 15.63 -64.57 -3.00
CA ARG A 55 16.31 -64.17 -4.23
C ARG A 55 16.22 -62.66 -4.52
N ASN A 56 17.21 -62.14 -5.23
CA ASN A 56 17.22 -60.72 -5.59
C ASN A 56 16.48 -60.49 -6.90
N TYR A 57 16.21 -59.24 -7.20
CA TYR A 57 15.61 -58.84 -8.47
C TYR A 57 16.41 -59.40 -9.64
N GLU A 58 15.70 -60.04 -10.56
CA GLU A 58 16.31 -60.52 -11.79
C GLU A 58 15.60 -59.84 -12.93
N ALA A 59 16.28 -58.92 -13.58
CA ALA A 59 15.66 -58.10 -14.61
C ALA A 59 14.99 -58.96 -15.66
N SER A 60 15.58 -60.13 -15.92
CA SER A 60 15.13 -61.01 -17.01
C SER A 60 13.75 -61.60 -16.76
N VAL A 61 13.38 -61.71 -15.48
CA VAL A 61 12.10 -62.29 -15.11
C VAL A 61 11.15 -61.29 -14.42
N ASP A 62 11.70 -60.41 -13.60
CA ASP A 62 10.90 -59.45 -12.84
C ASP A 62 10.57 -58.18 -13.60
N SER A 63 9.34 -57.70 -13.41
CA SER A 63 8.97 -56.37 -13.89
C SER A 63 8.53 -55.55 -12.67
N LEU A 64 9.23 -54.45 -12.42
CA LEU A 64 8.83 -53.57 -11.32
C LEU A 64 8.32 -52.27 -11.89
N THR A 65 7.14 -51.87 -11.45
CA THR A 65 6.56 -50.59 -11.87
C THR A 65 6.28 -49.70 -10.65
N PHE A 66 6.63 -48.42 -10.77
CA PHE A 66 6.38 -47.50 -9.67
C PHE A 66 5.13 -46.68 -9.90
N SER A 67 4.43 -46.37 -8.82
CA SER A 67 3.29 -45.45 -8.86
C SER A 67 3.46 -44.31 -7.85
N VAL A 68 3.30 -43.06 -8.28
CA VAL A 68 3.22 -41.95 -7.33
C VAL A 68 1.89 -41.15 -7.41
N VAL A 69 1.37 -40.72 -6.27
CA VAL A 69 0.18 -39.84 -6.29
C VAL A 69 0.30 -38.73 -5.26
N THR A 70 -0.17 -37.55 -5.62
CA THR A 70 -0.25 -36.48 -4.62
C THR A 70 -1.62 -35.82 -4.58
N GLY A 71 -2.08 -35.52 -3.37
CA GLY A 71 -3.34 -34.81 -3.20
C GLY A 71 -4.58 -35.70 -3.23
N PRO A 72 -5.74 -35.11 -2.90
CA PRO A 72 -7.03 -35.80 -2.73
C PRO A 72 -7.66 -36.29 -4.05
N ALA A 73 -7.13 -35.89 -5.19
CA ALA A 73 -7.72 -36.29 -6.46
C ALA A 73 -6.70 -36.39 -7.59
N PRO A 74 -5.72 -37.29 -7.44
CA PRO A 74 -4.60 -37.36 -8.40
C PRO A 74 -5.02 -37.74 -9.82
N SER A 75 -4.36 -37.17 -10.83
CA SER A 75 -4.50 -37.68 -12.18
C SER A 75 -3.29 -37.36 -13.05
N GLN A 76 -3.01 -38.25 -13.99
CA GLN A 76 -1.79 -38.16 -14.77
C GLN A 76 -1.85 -36.98 -15.69
N GLU A 77 -3.05 -36.66 -16.16
CA GLU A 77 -3.26 -35.54 -17.06
C GLU A 77 -2.86 -34.25 -16.36
N ALA A 78 -3.17 -34.18 -15.07
CA ALA A 78 -2.86 -33.00 -14.26
C ALA A 78 -1.47 -33.07 -13.61
N GLY A 79 -0.79 -34.21 -13.78
CA GLY A 79 0.59 -34.36 -13.33
C GLY A 79 0.74 -34.70 -11.84
N THR A 80 -0.39 -34.99 -11.19
CA THR A 80 -0.36 -35.33 -9.77
C THR A 80 -0.38 -36.84 -9.55
N LYS A 81 -0.36 -37.59 -10.64
CA LYS A 81 -0.18 -39.05 -10.59
C LYS A 81 0.76 -39.50 -11.70
N ALA A 82 1.67 -40.41 -11.38
CA ALA A 82 2.61 -40.91 -12.38
C ALA A 82 2.88 -42.40 -12.21
N ARG A 83 3.04 -43.08 -13.36
CA ARG A 83 3.46 -44.48 -13.39
C ARG A 83 4.72 -44.61 -14.26
N PHE A 84 5.69 -45.38 -13.78
CA PHE A 84 6.96 -45.50 -14.49
C PHE A 84 7.67 -46.80 -14.12
N PRO A 85 8.19 -47.52 -15.13
CA PRO A 85 8.87 -48.81 -14.98
C PRO A 85 10.29 -48.63 -14.44
N LEU A 86 10.78 -49.62 -13.70
CA LEU A 86 12.18 -49.67 -13.32
C LEU A 86 12.93 -50.19 -14.53
N ARG A 87 13.73 -49.35 -15.18
CA ARG A 87 14.46 -49.76 -16.40
C ARG A 87 15.77 -48.98 -16.57
N ASP A 88 16.61 -49.43 -17.50
CA ASP A 88 17.91 -48.81 -17.76
C ASP A 88 17.84 -47.49 -18.54
N ALA A 89 17.04 -47.44 -19.60
CA ALA A 89 16.85 -46.21 -20.34
C ALA A 89 16.26 -45.13 -19.43
N VAL A 90 16.90 -43.96 -19.36
CA VAL A 90 16.41 -42.87 -18.52
C VAL A 90 16.01 -41.67 -19.35
N GLU A 91 14.71 -41.43 -19.47
CA GLU A 91 14.22 -40.28 -20.22
C GLU A 91 14.30 -39.00 -19.37
N GLU A 92 15.24 -38.11 -19.71
CA GLU A 92 15.42 -36.86 -18.98
C GLU A 92 14.15 -36.00 -18.98
N GLY A 93 13.82 -35.44 -17.83
CA GLY A 93 12.63 -34.60 -17.67
C GLY A 93 11.38 -35.35 -17.24
N ASP A 94 11.45 -36.68 -17.21
CA ASP A 94 10.30 -37.51 -16.80
C ASP A 94 10.48 -38.09 -15.41
N TRP A 95 9.40 -38.69 -14.90
CA TRP A 95 9.53 -39.61 -13.78
C TRP A 95 10.22 -40.91 -14.25
N THR A 96 11.29 -41.31 -13.57
CA THR A 96 11.97 -42.53 -13.92
C THR A 96 12.58 -43.20 -12.71
N ALA A 97 12.83 -44.49 -12.86
CA ALA A 97 13.59 -45.24 -11.89
C ALA A 97 14.54 -46.15 -12.67
N THR A 98 15.76 -46.27 -12.15
CA THR A 98 16.77 -47.13 -12.76
C THR A 98 17.65 -47.75 -11.68
N VAL A 99 18.21 -48.92 -11.95
CA VAL A 99 19.12 -49.58 -11.00
C VAL A 99 20.51 -48.94 -11.05
N VAL A 100 21.15 -48.75 -9.89
CA VAL A 100 22.53 -48.23 -9.84
C VAL A 100 23.46 -49.10 -9.00
N ASP A 101 22.90 -49.98 -8.19
CA ASP A 101 23.71 -50.90 -7.41
C ASP A 101 22.90 -52.14 -7.08
N GLN A 102 23.53 -53.29 -7.14
CA GLN A 102 22.84 -54.52 -6.80
C GLN A 102 23.81 -55.49 -6.10
N GLN A 103 23.53 -55.74 -4.83
CA GLN A 103 24.36 -56.61 -3.99
C GLN A 103 23.69 -57.94 -3.74
N ASP A 104 24.11 -58.62 -2.67
CA ASP A 104 23.59 -59.94 -2.36
C ASP A 104 22.07 -59.97 -2.40
N CYS A 105 21.44 -59.16 -1.54
CA CYS A 105 19.98 -59.13 -1.45
C CYS A 105 19.44 -57.71 -1.48
N THR A 106 20.26 -56.77 -1.91
CA THR A 106 19.84 -55.38 -1.96
C THR A 106 19.81 -54.88 -3.40
N LEU A 107 18.87 -53.98 -3.67
CA LEU A 107 18.78 -53.34 -4.96
C LEU A 107 18.61 -51.84 -4.75
N SER A 108 19.64 -51.08 -5.11
CA SER A 108 19.63 -49.62 -4.97
C SER A 108 19.15 -48.98 -6.25
N LEU A 109 18.14 -48.13 -6.13
CA LEU A 109 17.54 -47.46 -7.27
C LEU A 109 17.79 -45.96 -7.20
N GLN A 110 17.70 -45.32 -8.35
CA GLN A 110 17.76 -43.89 -8.44
C GLN A 110 16.45 -43.43 -9.10
N LEU A 111 15.73 -42.54 -8.43
CA LEU A 111 14.49 -41.98 -9.01
C LEU A 111 14.68 -40.52 -9.36
N THR A 112 14.05 -40.09 -10.44
CA THR A 112 14.04 -38.68 -10.74
C THR A 112 12.61 -38.20 -11.05
N THR A 113 12.37 -36.93 -10.75
CA THR A 113 11.10 -36.27 -10.96
C THR A 113 11.26 -35.14 -11.95
N PRO A 114 10.18 -34.79 -12.64
CA PRO A 114 10.29 -33.63 -13.53
C PRO A 114 10.65 -32.41 -12.72
N ALA A 115 11.33 -31.46 -13.34
CA ALA A 115 11.71 -30.21 -12.70
C ALA A 115 10.54 -29.23 -12.55
N ASN A 116 9.40 -29.57 -13.17
CA ASN A 116 8.19 -28.76 -13.07
C ASN A 116 7.05 -29.59 -12.47
N ALA A 117 7.40 -30.63 -11.71
CA ALA A 117 6.42 -31.44 -10.99
C ALA A 117 5.73 -30.62 -9.90
N PRO A 118 4.48 -31.01 -9.54
CA PRO A 118 3.79 -30.34 -8.42
C PRO A 118 4.48 -30.70 -7.13
N ILE A 119 4.72 -29.71 -6.30
CA ILE A 119 5.31 -29.95 -5.02
C ILE A 119 4.22 -30.47 -4.10
N GLY A 120 4.61 -31.19 -3.06
CA GLY A 120 3.67 -31.69 -2.09
C GLY A 120 4.05 -33.06 -1.58
N LEU A 121 3.19 -33.59 -0.73
CA LEU A 121 3.34 -34.93 -0.17
C LEU A 121 2.96 -35.99 -1.21
N TYR A 122 3.84 -36.94 -1.45
CA TYR A 122 3.57 -38.02 -2.40
C TYR A 122 3.60 -39.36 -1.70
N ARG A 123 2.71 -40.25 -2.12
CA ARG A 123 2.75 -41.64 -1.69
C ARG A 123 3.40 -42.47 -2.80
N LEU A 124 4.41 -43.24 -2.45
CA LEU A 124 5.16 -44.02 -3.45
C LEU A 124 4.79 -45.49 -3.34
N SER A 125 4.38 -46.08 -4.46
CA SER A 125 3.98 -47.48 -4.49
C SER A 125 4.75 -48.29 -5.50
N LEU A 126 4.86 -49.58 -5.25
CA LEU A 126 5.63 -50.45 -6.13
C LEU A 126 4.82 -51.67 -6.53
N GLU A 127 4.76 -51.92 -7.83
CA GLU A 127 4.11 -53.09 -8.38
C GLU A 127 5.19 -54.04 -8.89
N ALA A 128 5.29 -55.22 -8.28
CA ALA A 128 6.27 -56.25 -8.69
C ALA A 128 5.64 -57.51 -9.30
N SER A 129 5.71 -57.61 -10.62
CA SER A 129 5.19 -58.77 -11.34
C SER A 129 6.27 -59.76 -11.79
N THR A 130 6.15 -61.02 -11.35
CA THR A 130 7.01 -62.08 -11.86
C THR A 130 6.21 -62.96 -12.83
N GLY A 131 6.30 -62.66 -14.11
CA GLY A 131 5.53 -63.37 -15.11
C GLY A 131 4.02 -63.18 -14.95
N TYR A 132 3.36 -64.17 -14.35
CA TYR A 132 1.91 -64.15 -14.18
C TYR A 132 1.45 -63.45 -12.90
N GLN A 133 1.79 -64.05 -11.76
CA GLN A 133 1.41 -63.53 -10.46
C GLN A 133 2.08 -62.18 -10.14
N GLY A 134 1.33 -61.29 -9.48
CA GLY A 134 1.82 -59.98 -9.13
C GLY A 134 1.52 -59.54 -7.70
N SER A 135 2.18 -58.46 -7.26
CA SER A 135 2.00 -57.93 -5.91
C SER A 135 2.14 -56.42 -5.90
N SER A 136 1.62 -55.79 -4.84
CA SER A 136 1.72 -54.35 -4.65
C SER A 136 2.17 -54.02 -3.24
N PHE A 137 3.08 -53.06 -3.13
CA PHE A 137 3.47 -52.53 -1.83
C PHE A 137 3.38 -51.02 -1.86
N VAL A 138 3.11 -50.45 -0.69
CA VAL A 138 3.28 -49.04 -0.49
C VAL A 138 4.68 -48.97 0.08
N LEU A 139 5.61 -48.42 -0.69
CA LEU A 139 6.99 -48.28 -0.20
C LEU A 139 7.04 -47.24 0.91
N GLY A 140 6.39 -46.10 0.68
CA GLY A 140 6.35 -45.04 1.68
C GLY A 140 5.88 -43.72 1.12
N HIS A 141 6.28 -42.63 1.79
CA HIS A 141 5.92 -41.28 1.37
C HIS A 141 7.17 -40.42 1.25
N PHE A 142 7.13 -39.45 0.34
CA PHE A 142 8.14 -38.40 0.35
C PHE A 142 7.46 -37.07 0.09
N ILE A 143 8.13 -36.00 0.51
CA ILE A 143 7.66 -34.66 0.21
C ILE A 143 8.57 -34.03 -0.84
N LEU A 144 7.99 -33.37 -1.81
CA LEU A 144 8.73 -32.87 -2.94
C LEU A 144 8.64 -31.36 -3.02
N LEU A 145 9.81 -30.70 -3.04
CA LEU A 145 9.89 -29.25 -2.94
C LEU A 145 10.50 -28.59 -4.16
N PHE A 146 10.32 -27.29 -4.27
CA PHE A 146 11.01 -26.54 -5.31
C PHE A 146 12.55 -26.66 -5.15
N ASN A 147 13.26 -26.53 -6.26
CA ASN A 147 14.69 -26.83 -6.27
C ASN A 147 15.48 -25.69 -6.92
N ALA A 148 16.02 -24.80 -6.08
CA ALA A 148 16.86 -23.70 -6.57
C ALA A 148 18.22 -24.17 -7.12
N TRP A 149 18.60 -25.43 -6.88
CA TRP A 149 19.86 -25.97 -7.38
C TRP A 149 19.73 -26.61 -8.77
N CYS A 150 18.49 -26.70 -9.25
CA CYS A 150 18.26 -27.40 -10.49
C CYS A 150 18.03 -26.37 -11.57
N PRO A 151 18.92 -26.37 -12.58
CA PRO A 151 18.90 -25.38 -13.68
C PRO A 151 17.64 -25.42 -14.52
N ALA A 152 16.99 -26.57 -14.61
CA ALA A 152 15.71 -26.66 -15.34
C ALA A 152 14.48 -26.22 -14.50
N ASP A 153 14.68 -25.92 -13.23
CA ASP A 153 13.57 -25.54 -12.35
C ASP A 153 13.31 -24.04 -12.45
N ALA A 154 12.05 -23.62 -12.50
CA ALA A 154 11.74 -22.19 -12.58
C ALA A 154 12.32 -21.35 -11.42
N VAL A 155 12.58 -21.95 -10.28
CA VAL A 155 13.20 -21.18 -9.21
C VAL A 155 14.73 -21.26 -9.15
N TYR A 156 15.35 -21.81 -10.20
CA TYR A 156 16.81 -21.93 -10.26
C TYR A 156 17.50 -20.59 -9.95
N LEU A 157 18.46 -20.64 -9.02
CA LEU A 157 19.39 -19.55 -8.72
C LEU A 157 20.82 -20.01 -9.03
N ASP A 158 21.55 -19.31 -9.90
CA ASP A 158 22.85 -19.82 -10.34
C ASP A 158 24.03 -19.58 -9.38
N SER A 159 23.79 -18.88 -8.27
CA SER A 159 24.80 -18.58 -7.26
C SER A 159 24.55 -19.37 -5.98
N GLU A 160 25.53 -20.16 -5.58
CA GLU A 160 25.38 -20.99 -4.40
C GLU A 160 25.25 -20.15 -3.15
N GLU A 161 25.91 -19.00 -3.12
CA GLU A 161 25.89 -18.19 -1.92
C GLU A 161 24.47 -17.63 -1.70
N GLU A 162 23.79 -17.33 -2.80
CA GLU A 162 22.44 -16.80 -2.75
C GLU A 162 21.40 -17.87 -2.43
N ARG A 163 21.65 -19.11 -2.84
CA ARG A 163 20.80 -20.24 -2.43
C ARG A 163 20.91 -20.51 -0.92
N GLN A 164 22.11 -20.31 -0.36
CA GLN A 164 22.31 -20.42 1.08
C GLN A 164 21.52 -19.34 1.79
N GLU A 165 21.59 -18.13 1.26
CA GLU A 165 20.92 -17.01 1.91
C GLU A 165 19.40 -17.08 1.78
N TYR A 166 18.92 -17.23 0.55
CA TYR A 166 17.49 -17.03 0.30
C TYR A 166 16.66 -18.30 0.46
N VAL A 167 17.33 -19.43 0.61
CA VAL A 167 16.61 -20.67 0.89
C VAL A 167 16.99 -21.35 2.20
N LEU A 168 18.28 -21.51 2.46
CA LEU A 168 18.68 -22.35 3.58
C LEU A 168 18.87 -21.63 4.92
N THR A 169 19.11 -20.33 4.89
CA THR A 169 19.44 -19.61 6.13
C THR A 169 18.18 -19.33 6.97
N GLN A 170 18.18 -19.77 8.23
CA GLN A 170 16.97 -19.68 9.06
C GLN A 170 16.85 -18.40 9.93
N GLN A 171 17.90 -17.59 9.97
CA GLN A 171 17.77 -16.29 10.63
C GLN A 171 18.16 -15.16 9.69
N GLY A 172 17.60 -13.99 9.95
CA GLY A 172 17.97 -12.81 9.19
C GLY A 172 17.57 -11.55 9.92
N PHE A 173 17.49 -10.47 9.18
CA PHE A 173 17.12 -9.18 9.70
C PHE A 173 15.93 -8.61 8.95
N ILE A 174 15.09 -7.91 9.69
CA ILE A 174 14.01 -7.14 9.11
C ILE A 174 14.17 -5.67 9.47
N TYR A 175 14.21 -4.81 8.45
CA TYR A 175 14.45 -3.40 8.68
C TYR A 175 13.19 -2.58 9.00
N GLN A 176 13.35 -1.67 9.96
CA GLN A 176 12.27 -0.83 10.48
C GLN A 176 12.78 0.58 10.75
N GLY A 177 12.00 1.32 11.55
CA GLY A 177 12.37 2.66 11.97
C GLY A 177 11.99 3.67 10.90
N SER A 178 12.95 4.46 10.47
CA SER A 178 12.72 5.44 9.43
C SER A 178 13.95 5.55 8.56
N ALA A 179 13.80 6.25 7.45
CA ALA A 179 14.90 6.46 6.52
C ALA A 179 16.13 6.98 7.26
N LYS A 180 15.91 7.98 8.11
CA LYS A 180 16.98 8.62 8.87
C LYS A 180 17.52 7.71 9.99
N PHE A 181 16.65 6.89 10.57
CA PHE A 181 17.08 5.96 11.63
C PHE A 181 16.73 4.52 11.28
N ILE A 182 17.56 3.91 10.44
CA ILE A 182 17.29 2.55 10.02
C ILE A 182 17.59 1.57 11.13
N LYS A 183 16.55 0.91 11.60
CA LYS A 183 16.69 -0.02 12.70
C LYS A 183 16.53 -1.45 12.20
N ASN A 184 17.34 -2.35 12.72
CA ASN A 184 17.22 -3.73 12.31
CA ASN A 184 17.27 -3.75 12.32
C ASN A 184 16.70 -4.59 13.45
N ILE A 185 15.83 -5.53 13.12
CA ILE A 185 15.47 -6.47 14.13
C ILE A 185 15.79 -7.89 13.64
N PRO A 186 16.48 -8.66 14.48
CA PRO A 186 16.77 -10.07 14.26
C PRO A 186 15.47 -10.86 14.14
N TRP A 187 15.51 -11.97 13.42
CA TRP A 187 14.30 -12.76 13.20
C TRP A 187 14.66 -14.20 12.90
N ASN A 188 13.98 -15.10 13.57
CA ASN A 188 14.18 -16.53 13.36
C ASN A 188 13.08 -17.05 12.44
N PHE A 189 13.43 -17.19 11.16
CA PHE A 189 12.52 -17.72 10.17
C PHE A 189 12.18 -19.17 10.49
N GLY A 190 13.18 -19.91 10.96
CA GLY A 190 13.02 -21.28 11.40
C GLY A 190 12.30 -22.18 10.41
N GLN A 191 12.46 -21.91 9.11
CA GLN A 191 11.73 -22.68 8.09
C GLN A 191 11.95 -24.19 8.18
N PHE A 192 13.00 -24.64 8.87
CA PHE A 192 13.29 -26.07 8.94
C PHE A 192 13.00 -26.71 10.29
N GLU A 193 12.39 -25.95 11.20
CA GLU A 193 12.09 -26.49 12.53
C GLU A 193 11.00 -27.57 12.54
N ASP A 194 11.05 -28.45 13.53
CA ASP A 194 10.08 -29.54 13.67
C ASP A 194 8.63 -29.03 13.44
N GLY A 195 7.92 -29.69 12.55
CA GLY A 195 6.53 -29.36 12.30
C GLY A 195 6.28 -28.29 11.25
N ILE A 196 7.27 -27.45 10.94
CA ILE A 196 6.98 -26.30 10.09
C ILE A 196 6.54 -26.66 8.66
N LEU A 197 7.20 -27.65 8.06
CA LEU A 197 6.85 -28.03 6.69
C LEU A 197 5.41 -28.54 6.62
N ASP A 198 5.05 -29.40 7.56
CA ASP A 198 3.68 -29.90 7.61
C ASP A 198 2.68 -28.75 7.67
N ILE A 199 2.98 -27.78 8.51
CA ILE A 199 2.11 -26.62 8.61
C ILE A 199 2.00 -25.86 7.28
N CYS A 200 3.11 -25.74 6.55
CA CYS A 200 3.04 -25.02 5.28
C CYS A 200 2.14 -25.78 4.30
N LEU A 201 2.21 -27.10 4.32
CA LEU A 201 1.37 -27.91 3.44
C LEU A 201 -0.13 -27.72 3.75
N ILE A 202 -0.46 -27.78 5.04
CA ILE A 202 -1.79 -27.44 5.52
C ILE A 202 -2.22 -26.05 5.02
N LEU A 203 -1.31 -25.09 5.11
CA LEU A 203 -1.69 -23.74 4.68
C LEU A 203 -2.15 -23.73 3.21
N LEU A 204 -1.44 -24.45 2.36
CA LEU A 204 -1.87 -24.60 0.97
C LEU A 204 -3.22 -25.33 0.89
N ASP A 205 -3.32 -26.40 1.68
CA ASP A 205 -4.48 -27.26 1.68
C ASP A 205 -5.77 -26.62 2.23
N VAL A 206 -5.66 -25.43 2.84
CA VAL A 206 -6.86 -24.73 3.30
C VAL A 206 -7.15 -23.47 2.49
N ASN A 207 -6.36 -23.22 1.45
CA ASN A 207 -6.56 -22.01 0.70
C ASN A 207 -7.83 -22.11 -0.17
N PRO A 208 -8.45 -20.97 -0.46
CA PRO A 208 -9.76 -21.02 -1.10
C PRO A 208 -9.73 -21.76 -2.44
N LYS A 209 -8.58 -21.83 -3.10
CA LYS A 209 -8.53 -22.46 -4.41
C LYS A 209 -8.61 -23.97 -4.31
N PHE A 210 -8.14 -24.50 -3.19
CA PHE A 210 -8.19 -25.91 -2.92
C PHE A 210 -9.63 -26.32 -2.55
N LEU A 211 -10.38 -25.38 -1.96
CA LEU A 211 -11.75 -25.64 -1.54
C LEU A 211 -12.59 -25.69 -2.78
N LYS A 212 -12.32 -24.77 -3.69
CA LYS A 212 -13.04 -24.64 -4.94
C LYS A 212 -12.78 -25.81 -5.91
N ASN A 213 -11.53 -26.28 -5.99
CA ASN A 213 -11.17 -27.37 -6.91
C ASN A 213 -9.85 -27.99 -6.53
N ALA A 214 -9.92 -28.94 -5.60
CA ALA A 214 -8.78 -29.60 -4.98
C ALA A 214 -7.77 -30.14 -6.00
N GLY A 215 -8.25 -30.99 -6.91
CA GLY A 215 -7.38 -31.59 -7.91
C GLY A 215 -6.64 -30.55 -8.73
N ARG A 216 -7.32 -29.47 -9.09
CA ARG A 216 -6.67 -28.41 -9.86
C ARG A 216 -5.61 -27.60 -9.05
N ASP A 217 -5.93 -27.30 -7.79
CA ASP A 217 -5.00 -26.60 -6.91
C ASP A 217 -3.72 -27.42 -6.72
N CYS A 218 -3.85 -28.71 -6.41
CA CYS A 218 -2.69 -29.57 -6.25
C CYS A 218 -1.80 -29.64 -7.49
N SER A 219 -2.44 -29.60 -8.65
CA SER A 219 -1.73 -29.60 -9.92
C SER A 219 -1.01 -28.27 -10.16
N ARG A 220 -1.64 -27.16 -9.79
CA ARG A 220 -1.07 -25.83 -10.02
C ARG A 220 0.14 -25.53 -9.11
N ARG A 221 0.28 -26.27 -8.03
CA ARG A 221 1.48 -26.23 -7.21
C ARG A 221 2.78 -26.60 -7.96
N SER A 222 2.71 -26.81 -9.27
CA SER A 222 3.94 -27.00 -10.03
C SER A 222 4.58 -25.62 -10.22
N SER A 223 3.75 -24.59 -10.14
CA SER A 223 4.14 -23.21 -10.37
C SER A 223 4.49 -22.45 -9.09
N PRO A 224 5.67 -21.82 -9.05
CA PRO A 224 6.01 -20.96 -7.91
C PRO A 224 5.30 -19.61 -8.02
N VAL A 225 4.92 -19.20 -9.22
CA VAL A 225 4.08 -18.04 -9.35
C VAL A 225 2.73 -18.28 -8.64
N TYR A 226 2.13 -19.44 -8.88
CA TYR A 226 0.86 -19.80 -8.25
C TYR A 226 1.02 -19.96 -6.74
N VAL A 227 2.03 -20.71 -6.31
CA VAL A 227 2.28 -20.95 -4.89
C VAL A 227 2.55 -19.63 -4.14
N GLY A 228 3.46 -18.82 -4.68
CA GLY A 228 3.69 -17.48 -4.17
C GLY A 228 2.37 -16.71 -3.97
N ARG A 229 1.58 -16.64 -5.02
CA ARG A 229 0.31 -15.94 -4.99
C ARG A 229 -0.58 -16.46 -3.86
N VAL A 230 -0.65 -17.78 -3.71
CA VAL A 230 -1.48 -18.37 -2.68
C VAL A 230 -0.94 -18.03 -1.28
N VAL A 231 0.40 -18.01 -1.14
CA VAL A 231 0.97 -17.69 0.15
C VAL A 231 0.68 -16.24 0.53
N SER A 232 0.61 -15.36 -0.47
CA SER A 232 0.40 -13.94 -0.21
C SER A 232 -1.02 -13.67 0.27
N GLY A 233 -1.93 -14.57 -0.07
CA GLY A 233 -3.31 -14.42 0.34
C GLY A 233 -3.59 -15.05 1.69
N MET A 234 -2.80 -16.05 2.07
CA MET A 234 -3.08 -16.84 3.26
C MET A 234 -2.41 -16.34 4.55
N VAL A 235 -1.51 -15.37 4.42
CA VAL A 235 -0.77 -14.87 5.57
C VAL A 235 -1.64 -13.97 6.47
N ASN A 236 -2.43 -13.10 5.86
CA ASN A 236 -3.39 -12.31 6.61
C ASN A 236 -4.68 -13.11 6.86
N CYS A 237 -5.45 -12.75 7.89
CA CYS A 237 -6.69 -13.47 8.19
C CYS A 237 -7.77 -13.35 7.11
N ASN A 238 -8.45 -12.20 7.05
CA ASN A 238 -9.55 -12.02 6.09
C ASN A 238 -10.64 -13.09 6.28
N ASP A 239 -10.49 -14.23 5.59
CA ASP A 239 -11.32 -15.39 5.87
C ASP A 239 -10.65 -16.21 6.96
N ASP A 240 -11.30 -16.24 8.12
CA ASP A 240 -10.72 -16.76 9.38
C ASP A 240 -9.64 -17.85 9.27
N GLN A 241 -9.55 -18.51 8.12
CA GLN A 241 -8.49 -19.51 7.88
C GLN A 241 -7.07 -18.91 7.87
N GLY A 242 -6.95 -17.63 7.53
CA GLY A 242 -5.68 -16.93 7.50
C GLY A 242 -4.89 -16.93 8.80
N VAL A 243 -3.62 -16.57 8.71
CA VAL A 243 -2.66 -16.89 9.77
C VAL A 243 -2.59 -15.84 10.87
N LEU A 244 -2.57 -14.57 10.46
CA LEU A 244 -2.33 -13.48 11.38
C LEU A 244 -3.47 -12.47 11.32
N LEU A 245 -3.81 -11.90 12.48
CA LEU A 245 -4.72 -10.74 12.51
C LEU A 245 -3.94 -9.44 12.73
N GLY A 246 -4.06 -8.51 11.79
CA GLY A 246 -3.38 -7.23 11.92
C GLY A 246 -4.02 -6.31 12.96
N ARG A 247 -3.22 -5.41 13.52
CA ARG A 247 -3.75 -4.37 14.40
C ARG A 247 -2.71 -3.28 14.58
N TRP A 248 -3.14 -2.03 14.39
CA TRP A 248 -2.25 -0.88 14.46
C TRP A 248 -2.66 0.19 15.47
N ASP A 249 -3.69 -0.08 16.27
CA ASP A 249 -4.25 0.95 17.17
C ASP A 249 -3.50 1.02 18.50
N ASN A 250 -2.43 0.24 18.62
CA ASN A 250 -1.56 0.29 19.79
C ASN A 250 -2.19 -0.35 21.03
N ASN A 251 -3.17 -1.22 20.79
CA ASN A 251 -3.87 -1.87 21.88
C ASN A 251 -3.96 -3.37 21.68
N TYR A 252 -2.99 -4.09 22.27
CA TYR A 252 -2.78 -5.50 21.95
C TYR A 252 -2.89 -6.41 23.17
N GLY A 253 -3.70 -5.97 24.15
CA GLY A 253 -3.80 -6.63 25.43
C GLY A 253 -4.38 -8.03 25.43
N ASP A 254 -5.32 -8.29 24.52
CA ASP A 254 -5.91 -9.63 24.42
C ASP A 254 -5.14 -10.53 23.46
N GLY A 255 -3.94 -10.10 23.06
CA GLY A 255 -3.08 -10.89 22.19
C GLY A 255 -1.60 -10.62 22.40
N VAL A 256 -0.79 -10.94 21.39
CA VAL A 256 0.65 -10.64 21.44
C VAL A 256 0.97 -9.40 20.61
N SER A 257 1.77 -8.50 21.16
CA SER A 257 2.14 -7.27 20.46
C SER A 257 3.02 -7.61 19.26
N PRO A 258 2.70 -7.03 18.08
CA PRO A 258 3.47 -7.16 16.81
C PRO A 258 4.96 -6.92 16.97
N MET A 259 5.33 -6.03 17.91
CA MET A 259 6.72 -5.69 18.16
C MET A 259 7.43 -6.74 19.00
N SER A 260 6.66 -7.63 19.61
CA SER A 260 7.21 -8.60 20.53
C SER A 260 7.82 -9.84 19.85
N TRP A 261 7.22 -10.26 18.75
CA TRP A 261 7.64 -11.47 18.03
C TRP A 261 9.10 -11.40 17.62
N ILE A 262 9.80 -12.52 17.72
CA ILE A 262 11.17 -12.56 17.17
C ILE A 262 11.35 -13.66 16.13
N GLY A 263 10.26 -14.30 15.72
CA GLY A 263 10.33 -15.38 14.74
C GLY A 263 8.98 -15.82 14.18
N SER A 264 9.01 -16.73 13.22
CA SER A 264 7.77 -17.12 12.53
C SER A 264 7.16 -18.40 13.10
N VAL A 265 8.00 -19.17 13.76
CA VAL A 265 7.70 -20.52 14.21
C VAL A 265 6.53 -20.58 15.18
N ASP A 266 6.57 -19.68 16.16
CA ASP A 266 5.57 -19.65 17.21
C ASP A 266 4.24 -19.23 16.64
N ILE A 267 4.29 -18.35 15.65
CA ILE A 267 3.08 -17.86 15.02
C ILE A 267 2.43 -18.97 14.22
N LEU A 268 3.24 -19.67 13.43
CA LEU A 268 2.73 -20.77 12.61
C LEU A 268 2.18 -21.89 13.50
N ARG A 269 2.91 -22.20 14.56
CA ARG A 269 2.48 -23.23 15.48
C ARG A 269 1.17 -22.85 16.15
N ARG A 270 1.11 -21.65 16.72
CA ARG A 270 -0.12 -21.20 17.35
C ARG A 270 -1.31 -21.32 16.39
N TRP A 271 -1.13 -20.87 15.15
CA TRP A 271 -2.19 -20.91 14.15
C TRP A 271 -2.73 -22.33 13.97
N LYS A 272 -1.82 -23.26 13.69
CA LYS A 272 -2.19 -24.66 13.54
C LYS A 272 -2.80 -25.25 14.82
N ASN A 273 -2.18 -24.95 15.95
CA ASN A 273 -2.59 -25.51 17.23
C ASN A 273 -4.00 -25.12 17.65
N HIS A 274 -4.54 -24.05 17.05
CA HIS A 274 -5.88 -23.62 17.37
C HIS A 274 -6.83 -23.89 16.21
N GLY A 275 -6.45 -24.82 15.34
CA GLY A 275 -7.35 -25.27 14.29
C GLY A 275 -7.37 -24.32 13.12
N CYS A 276 -6.22 -23.70 12.87
CA CYS A 276 -6.07 -22.74 11.78
C CYS A 276 -6.92 -21.49 12.00
N GLN A 277 -6.75 -20.90 13.18
CA GLN A 277 -7.41 -19.65 13.55
C GLN A 277 -6.38 -18.52 13.70
N ARG A 278 -6.76 -17.34 13.26
CA ARG A 278 -5.89 -16.17 13.25
C ARG A 278 -5.11 -16.00 14.54
N VAL A 279 -3.88 -15.52 14.41
CA VAL A 279 -3.04 -15.24 15.56
C VAL A 279 -2.97 -13.74 15.73
N LYS A 280 -3.12 -13.28 16.97
CA LYS A 280 -3.09 -11.86 17.28
C LYS A 280 -1.81 -11.58 18.03
N TYR A 281 -1.06 -10.54 17.64
CA TYR A 281 -1.38 -9.66 16.51
C TYR A 281 -0.18 -9.50 15.57
N GLY A 282 -0.44 -9.05 14.34
CA GLY A 282 0.64 -8.76 13.41
C GLY A 282 0.66 -7.34 12.87
N GLN A 283 1.82 -6.94 12.36
CA GLN A 283 1.93 -5.77 11.46
C GLN A 283 2.71 -6.15 10.19
N CYS A 284 2.97 -5.18 9.31
CA CYS A 284 3.56 -5.48 8.00
C CYS A 284 4.76 -6.38 8.05
N TRP A 285 5.73 -6.04 8.90
CA TRP A 285 6.95 -6.83 8.93
C TRP A 285 6.67 -8.25 9.38
N VAL A 286 5.68 -8.41 10.26
CA VAL A 286 5.35 -9.74 10.72
C VAL A 286 4.63 -10.57 9.63
N PHE A 287 3.82 -9.93 8.80
CA PHE A 287 3.18 -10.67 7.73
C PHE A 287 4.25 -11.11 6.74
N ALA A 288 5.18 -10.20 6.47
CA ALA A 288 6.25 -10.43 5.51
C ALA A 288 7.19 -11.51 6.00
N ALA A 289 7.45 -11.50 7.29
CA ALA A 289 8.38 -12.46 7.87
C ALA A 289 7.84 -13.87 7.77
N VAL A 290 6.60 -14.07 8.18
CA VAL A 290 5.95 -15.37 8.03
C VAL A 290 5.89 -15.91 6.58
N ALA A 291 5.48 -15.05 5.65
CA ALA A 291 5.45 -15.40 4.25
C ALA A 291 6.85 -15.88 3.82
N CYS A 292 7.88 -15.14 4.22
CA CYS A 292 9.24 -15.48 3.84
C CYS A 292 9.55 -16.89 4.34
N THR A 293 9.11 -17.17 5.55
CA THR A 293 9.36 -18.46 6.17
C THR A 293 8.73 -19.58 5.37
N VAL A 294 7.46 -19.37 5.01
CA VAL A 294 6.72 -20.41 4.32
C VAL A 294 7.34 -20.67 2.96
N LEU A 295 7.62 -19.59 2.24
CA LEU A 295 8.22 -19.67 0.91
C LEU A 295 9.59 -20.33 0.94
N ARG A 296 10.41 -20.04 1.95
CA ARG A 296 11.74 -20.66 2.01
C ARG A 296 11.57 -22.15 2.27
N CYS A 297 10.66 -22.45 3.19
CA CYS A 297 10.38 -23.84 3.54
C CYS A 297 10.04 -24.67 2.31
N LEU A 298 9.23 -24.13 1.41
CA LEU A 298 8.79 -24.86 0.24
C LEU A 298 9.89 -24.78 -0.83
N GLY A 299 10.87 -23.92 -0.61
CA GLY A 299 12.07 -23.93 -1.41
C GLY A 299 12.12 -22.84 -2.46
N ILE A 300 11.20 -21.90 -2.37
CA ILE A 300 11.24 -20.71 -3.22
C ILE A 300 12.13 -19.65 -2.58
N PRO A 301 13.25 -19.30 -3.25
CA PRO A 301 14.21 -18.29 -2.78
C PRO A 301 13.50 -16.98 -2.49
N THR A 302 13.54 -16.53 -1.23
CA THR A 302 12.76 -15.36 -0.82
C THR A 302 13.53 -14.47 0.14
N ARG A 303 13.31 -13.16 0.08
CA ARG A 303 13.86 -12.23 1.06
C ARG A 303 12.81 -11.17 1.48
N VAL A 304 12.92 -10.68 2.72
CA VAL A 304 12.03 -9.61 3.20
C VAL A 304 12.62 -8.24 2.89
N VAL A 305 11.83 -7.36 2.27
CA VAL A 305 12.29 -6.03 1.93
C VAL A 305 11.50 -4.93 2.64
N THR A 306 12.18 -3.83 2.94
CA THR A 306 11.56 -2.70 3.61
C THR A 306 11.76 -1.47 2.77
N ASN A 307 10.67 -0.73 2.59
CA ASN A 307 10.72 0.57 1.95
C ASN A 307 10.40 1.71 2.94
N TYR A 308 11.09 2.84 2.81
CA TYR A 308 10.86 3.97 3.72
C TYR A 308 10.16 5.13 3.03
N ASN A 309 9.29 5.82 3.78
CA ASN A 309 8.66 7.05 3.29
C ASN A 309 8.93 8.17 4.28
N SER A 310 8.79 9.41 3.84
CA SER A 310 8.98 10.54 4.76
C SER A 310 8.11 11.76 4.41
N ALA A 311 8.01 12.68 5.37
CA ALA A 311 7.17 13.87 5.23
C ALA A 311 7.70 15.06 6.05
N HIS A 312 7.19 16.26 5.74
CA HIS A 312 7.57 17.49 6.45
C HIS A 312 6.45 18.06 7.33
N ASN A 317 0.45 20.95 6.47
CA ASN A 317 -0.10 20.40 5.24
C ASN A 317 -1.42 19.68 5.46
N LEU A 318 -2.25 19.65 4.43
CA LEU A 318 -3.52 18.92 4.49
C LEU A 318 -3.31 17.40 4.36
N LEU A 319 -2.24 17.01 3.66
CA LEU A 319 -1.89 15.60 3.48
C LEU A 319 -1.81 14.83 4.78
N ILE A 320 -1.04 15.38 5.72
CA ILE A 320 -0.86 14.76 7.01
C ILE A 320 -2.21 14.50 7.66
N GLU A 321 -3.02 15.54 7.74
CA GLU A 321 -4.32 15.46 8.40
C GLU A 321 -5.14 14.35 7.76
N TYR A 322 -5.27 14.40 6.44
CA TYR A 322 -5.99 13.38 5.68
C TYR A 322 -5.66 11.94 6.12
N PHE A 323 -4.38 11.67 6.39
CA PHE A 323 -3.96 10.34 6.85
C PHE A 323 -4.23 10.04 8.31
N ARG A 324 -3.99 11.02 9.18
CA ARG A 324 -4.25 10.85 10.61
C ARG A 324 -5.67 10.33 10.79
N ASN A 325 -6.64 11.18 10.48
CA ASN A 325 -8.06 10.81 10.51
C ASN A 325 -8.97 12.04 10.35
N SER A 335 -8.71 -0.02 0.81
CA SER A 335 -8.29 0.89 1.87
C SER A 335 -6.77 0.85 2.09
N GLU A 336 -6.05 1.48 1.17
CA GLU A 336 -4.60 1.62 1.27
C GLU A 336 -4.23 2.98 1.88
N MET A 337 -3.11 3.00 2.58
CA MET A 337 -2.61 4.23 3.15
C MET A 337 -1.07 4.20 3.19
N ILE A 338 -0.47 5.26 3.74
CA ILE A 338 0.99 5.42 3.72
C ILE A 338 1.63 5.48 5.11
N TRP A 339 2.59 4.59 5.35
CA TRP A 339 3.23 4.47 6.65
C TRP A 339 4.62 5.05 6.58
N ASN A 340 5.26 5.15 7.74
CA ASN A 340 6.66 5.56 7.79
C ASN A 340 7.52 4.55 7.04
N PHE A 341 7.22 3.27 7.22
CA PHE A 341 7.87 2.22 6.44
C PHE A 341 6.84 1.15 6.10
N HIS A 342 7.10 0.43 5.01
CA HIS A 342 6.31 -0.74 4.64
C HIS A 342 7.23 -1.91 4.25
N CYS A 343 6.85 -3.12 4.63
CA CYS A 343 7.61 -4.33 4.32
C CYS A 343 6.82 -5.29 3.43
N TRP A 344 7.50 -6.00 2.54
CA TRP A 344 6.86 -7.10 1.82
C TRP A 344 7.93 -8.14 1.47
N VAL A 345 7.65 -9.06 0.54
CA VAL A 345 8.67 -10.00 0.13
C VAL A 345 8.92 -10.00 -1.37
N GLU A 346 10.10 -10.47 -1.71
CA GLU A 346 10.47 -10.76 -3.06
C GLU A 346 10.83 -12.23 -3.14
N SER A 347 10.43 -12.86 -4.22
CA SER A 347 10.71 -14.26 -4.48
C SER A 347 11.26 -14.46 -5.90
N TRP A 348 12.15 -15.45 -6.06
CA TRP A 348 12.93 -15.62 -7.32
C TRP A 348 12.37 -16.71 -8.22
N MET A 349 12.07 -16.38 -9.47
CA MET A 349 11.49 -17.37 -10.37
C MET A 349 11.41 -16.83 -11.79
N THR A 350 11.34 -17.73 -12.77
CA THR A 350 11.00 -17.33 -14.13
C THR A 350 9.53 -16.91 -14.25
N ARG A 351 9.21 -16.18 -15.33
CA ARG A 351 7.83 -15.81 -15.64
C ARG A 351 7.37 -16.22 -17.05
N PRO A 352 7.27 -17.53 -17.31
CA PRO A 352 6.81 -18.02 -18.61
C PRO A 352 5.38 -17.59 -18.94
N ASP A 353 4.65 -17.09 -17.94
CA ASP A 353 3.30 -16.56 -18.14
C ASP A 353 3.32 -15.12 -18.64
N LEU A 354 4.50 -14.52 -18.70
CA LEU A 354 4.58 -13.13 -19.14
C LEU A 354 5.49 -13.01 -20.37
N GLN A 355 5.48 -11.84 -20.99
CA GLN A 355 6.46 -11.52 -22.00
C GLN A 355 7.84 -11.91 -21.47
N PRO A 356 8.73 -12.31 -22.38
CA PRO A 356 10.08 -12.71 -22.04
C PRO A 356 10.85 -11.59 -21.35
N GLY A 357 11.69 -11.96 -20.40
CA GLY A 357 12.55 -10.99 -19.75
C GLY A 357 12.08 -10.54 -18.38
N TYR A 358 11.07 -11.22 -17.84
CA TYR A 358 10.58 -10.85 -16.52
C TYR A 358 10.95 -11.80 -15.40
N GLU A 359 11.73 -12.84 -15.75
CA GLU A 359 12.31 -13.72 -14.76
C GLU A 359 13.08 -12.89 -13.73
N GLY A 360 13.16 -13.37 -12.49
CA GLY A 360 13.93 -12.68 -11.47
C GLY A 360 13.19 -12.47 -10.16
N TRP A 361 13.51 -11.38 -9.47
CA TRP A 361 12.79 -11.07 -8.23
C TRP A 361 11.35 -10.64 -8.50
N GLN A 362 10.41 -11.19 -7.73
CA GLN A 362 9.00 -10.86 -7.85
C GLN A 362 8.49 -10.40 -6.48
N ALA A 363 7.89 -9.21 -6.44
CA ALA A 363 7.29 -8.70 -5.22
C ALA A 363 5.95 -9.37 -4.91
N LEU A 364 5.75 -9.72 -3.64
CA LEU A 364 4.50 -10.28 -3.11
C LEU A 364 4.22 -9.51 -1.82
N ASP A 365 2.99 -8.99 -1.68
CA ASP A 365 2.62 -8.23 -0.48
C ASP A 365 1.46 -8.87 0.26
N PRO A 366 1.78 -9.59 1.34
CA PRO A 366 0.82 -10.30 2.20
C PRO A 366 0.20 -9.38 3.25
N THR A 367 0.52 -8.09 3.23
CA THR A 367 -0.09 -7.17 4.16
C THR A 367 -1.47 -6.73 3.63
N PRO A 368 -2.48 -6.79 4.51
CA PRO A 368 -3.86 -6.35 4.22
C PRO A 368 -3.94 -4.81 4.05
N GLY A 374 -10.98 -7.88 -6.01
CA GLY A 374 -10.01 -8.46 -6.93
C GLY A 374 -9.31 -9.71 -6.42
N THR A 375 -9.38 -9.92 -5.11
CA THR A 375 -8.80 -11.05 -4.37
C THR A 375 -7.97 -10.56 -3.17
N TYR A 376 -7.83 -11.39 -2.14
CA TYR A 376 -7.02 -11.06 -0.97
C TYR A 376 -5.50 -11.22 -1.24
N CYS A 377 -5.18 -11.77 -2.41
CA CYS A 377 -3.78 -12.01 -2.80
C CYS A 377 -3.21 -10.74 -3.42
N CYS A 378 -1.88 -10.64 -3.47
CA CYS A 378 -1.23 -9.46 -4.06
C CYS A 378 0.13 -9.83 -4.66
N GLY A 379 0.20 -9.88 -5.99
CA GLY A 379 1.38 -10.36 -6.69
C GLY A 379 1.29 -11.84 -7.00
N PRO A 380 2.37 -12.43 -7.53
CA PRO A 380 3.69 -11.83 -7.80
C PRO A 380 3.74 -10.84 -8.97
N VAL A 381 4.52 -9.77 -8.81
CA VAL A 381 4.74 -8.86 -9.93
C VAL A 381 6.25 -8.70 -10.04
N PRO A 382 6.77 -8.66 -11.28
CA PRO A 382 8.24 -8.49 -11.42
C PRO A 382 8.68 -7.14 -10.90
N VAL A 383 9.62 -7.15 -9.96
CA VAL A 383 10.23 -5.90 -9.53
C VAL A 383 10.59 -5.09 -10.77
N ARG A 384 11.11 -5.76 -11.80
CA ARG A 384 11.46 -5.06 -13.03
C ARG A 384 10.29 -4.31 -13.71
N ALA A 385 9.12 -4.91 -13.78
CA ALA A 385 7.98 -4.22 -14.39
C ALA A 385 7.59 -2.98 -13.57
N ILE A 386 7.86 -3.02 -12.27
CA ILE A 386 7.60 -1.86 -11.43
C ILE A 386 8.55 -0.67 -11.71
N LYS A 387 9.85 -0.97 -11.84
CA LYS A 387 10.85 0.02 -12.23
C LYS A 387 10.51 0.64 -13.58
N GLU A 388 9.94 -0.15 -14.48
CA GLU A 388 9.70 0.32 -15.85
C GLU A 388 8.35 0.98 -16.01
N GLY A 389 7.49 0.89 -15.00
CA GLY A 389 6.16 1.46 -15.07
C GLY A 389 5.27 0.67 -16.00
N ASP A 390 5.56 -0.63 -16.15
CA ASP A 390 4.77 -1.50 -17.00
C ASP A 390 3.64 -2.14 -16.17
N LEU A 391 2.58 -1.37 -15.92
CA LEU A 391 1.63 -1.73 -14.87
C LEU A 391 0.54 -2.72 -15.25
N SER A 392 0.56 -3.19 -16.50
CA SER A 392 -0.41 -4.19 -16.93
C SER A 392 0.11 -5.60 -16.69
N THR A 393 1.41 -5.70 -16.45
CA THR A 393 2.04 -6.98 -16.12
C THR A 393 1.38 -7.58 -14.87
N LYS A 394 0.91 -8.81 -14.96
CA LYS A 394 0.31 -9.48 -13.81
C LYS A 394 1.40 -9.85 -12.81
N TYR A 395 1.11 -9.81 -11.52
CA TYR A 395 -0.21 -9.49 -10.96
C TYR A 395 -0.11 -8.24 -10.07
N ASP A 396 -1.13 -7.37 -10.16
CA ASP A 396 -1.31 -6.28 -9.19
C ASP A 396 -0.21 -5.21 -9.21
N ALA A 397 0.32 -4.92 -10.39
CA ALA A 397 1.45 -4.00 -10.53
C ALA A 397 1.18 -2.67 -9.84
N PRO A 398 -0.01 -2.08 -10.06
CA PRO A 398 -0.33 -0.77 -9.49
C PRO A 398 -0.16 -0.71 -7.98
N PHE A 399 -0.61 -1.72 -7.26
CA PHE A 399 -0.45 -1.74 -5.81
C PHE A 399 1.02 -1.56 -5.39
N VAL A 400 1.92 -2.32 -5.99
CA VAL A 400 3.33 -2.27 -5.60
C VAL A 400 3.94 -0.98 -6.10
N PHE A 401 3.64 -0.61 -7.33
CA PHE A 401 4.08 0.68 -7.84
C PHE A 401 3.70 1.84 -6.89
N ALA A 402 2.49 1.80 -6.36
CA ALA A 402 2.01 2.89 -5.50
C ALA A 402 2.76 2.89 -4.18
N GLU A 403 3.32 1.76 -3.80
CA GLU A 403 4.10 1.70 -2.55
C GLU A 403 5.45 2.42 -2.66
N VAL A 404 5.98 2.58 -3.88
CA VAL A 404 7.31 3.20 -4.06
C VAL A 404 7.27 4.44 -4.93
N ASN A 405 6.07 4.85 -5.32
CA ASN A 405 5.89 6.09 -6.04
C ASN A 405 4.69 6.90 -5.52
N ALA A 406 4.93 8.15 -5.19
CA ALA A 406 3.86 9.13 -5.00
C ALA A 406 4.14 10.33 -5.88
N ASP A 407 3.09 11.11 -6.07
CA ASP A 407 3.08 12.21 -7.01
C ASP A 407 2.31 13.34 -6.33
N VAL A 408 3.00 14.33 -5.77
CA VAL A 408 2.36 15.45 -5.07
C VAL A 408 2.59 16.82 -5.73
N VAL A 409 1.50 17.50 -6.11
CA VAL A 409 1.64 18.82 -6.74
C VAL A 409 0.75 19.90 -6.12
N ASP A 410 1.31 21.10 -6.03
CA ASP A 410 0.60 22.23 -5.47
C ASP A 410 0.06 23.11 -6.56
N TRP A 411 -0.91 23.93 -6.20
CA TRP A 411 -1.34 25.02 -7.05
C TRP A 411 -1.57 26.21 -6.14
N ILE A 412 -0.84 27.29 -6.41
CA ILE A 412 -0.98 28.53 -5.64
C ILE A 412 -1.72 29.61 -6.45
N GLN A 413 -1.33 29.80 -7.71
CA GLN A 413 -1.89 30.85 -8.57
C GLN A 413 -2.28 32.12 -7.81
N LYS A 421 0.94 25.88 -10.87
CA LYS A 421 1.36 24.48 -10.80
C LYS A 421 2.82 24.38 -10.42
N SER A 422 3.12 23.60 -9.38
CA SER A 422 4.48 23.50 -8.89
C SER A 422 4.68 22.30 -7.99
N ILE A 423 5.64 21.45 -8.34
CA ILE A 423 5.88 20.19 -7.64
C ILE A 423 6.13 20.36 -6.13
N ASN A 424 5.40 19.58 -5.33
CA ASN A 424 5.50 19.62 -3.87
C ASN A 424 6.31 18.44 -3.36
N ARG A 425 7.20 18.71 -2.40
CA ARG A 425 8.08 17.68 -1.84
C ARG A 425 7.89 17.53 -0.33
N SER A 426 6.68 17.81 0.15
CA SER A 426 6.33 17.57 1.54
C SER A 426 6.14 16.08 1.77
N LEU A 427 5.97 15.34 0.68
CA LEU A 427 5.81 13.90 0.77
C LEU A 427 6.76 13.17 -0.19
N ILE A 428 7.46 12.18 0.36
CA ILE A 428 8.41 11.40 -0.40
C ILE A 428 8.24 9.91 -0.12
N VAL A 429 7.94 9.18 -1.18
CA VAL A 429 7.70 7.75 -1.08
C VAL A 429 8.78 7.02 -1.83
N GLY A 430 9.24 5.89 -1.26
CA GLY A 430 10.21 5.04 -1.92
C GLY A 430 11.62 5.51 -1.64
N LEU A 431 12.06 5.30 -0.42
CA LEU A 431 13.41 5.67 0.00
C LEU A 431 14.12 4.47 0.61
N LYS A 432 15.42 4.36 0.39
CA LYS A 432 16.24 3.43 1.15
C LYS A 432 15.62 2.03 1.26
N ILE A 433 15.07 1.55 0.14
CA ILE A 433 14.60 0.17 0.10
C ILE A 433 15.72 -0.80 0.50
N SER A 434 15.42 -1.66 1.46
CA SER A 434 16.45 -2.40 2.17
C SER A 434 16.11 -3.86 2.38
N THR A 435 17.15 -4.68 2.34
CA THR A 435 17.06 -6.09 2.66
C THR A 435 18.46 -6.55 3.15
N LYS A 436 18.51 -7.64 3.91
CA LYS A 436 19.78 -8.17 4.42
C LYS A 436 20.76 -8.59 3.32
N SER A 437 22.05 -8.31 3.54
CA SER A 437 23.13 -8.68 2.60
C SER A 437 23.33 -10.18 2.47
N VAL A 438 23.62 -10.66 1.28
CA VAL A 438 23.95 -12.08 1.13
C VAL A 438 25.12 -12.50 2.06
N GLY A 439 24.85 -13.44 2.96
CA GLY A 439 25.85 -13.98 3.86
C GLY A 439 26.61 -12.99 4.76
N ARG A 440 26.00 -11.86 5.11
CA ARG A 440 26.63 -10.91 6.03
C ARG A 440 25.58 -10.16 6.84
N ASP A 441 25.92 -9.78 8.06
CA ASP A 441 25.01 -9.02 8.91
C ASP A 441 25.04 -7.56 8.51
N GLU A 442 24.89 -7.29 7.22
CA GLU A 442 24.87 -5.91 6.76
C GLU A 442 23.62 -5.65 5.93
N ARG A 443 23.35 -4.40 5.68
CA ARG A 443 22.13 -4.03 5.01
C ARG A 443 22.44 -3.77 3.57
N GLU A 444 21.63 -4.30 2.66
CA GLU A 444 21.77 -3.97 1.23
C GLU A 444 20.67 -3.02 0.79
N ASP A 445 21.06 -1.98 0.07
CA ASP A 445 20.13 -0.99 -0.44
C ASP A 445 19.78 -1.36 -1.89
N ILE A 446 18.50 -1.63 -2.12
CA ILE A 446 18.04 -2.08 -3.45
C ILE A 446 17.09 -1.07 -4.08
N THR A 447 17.15 0.18 -3.65
CA THR A 447 16.28 1.22 -4.18
C THR A 447 16.36 1.24 -5.70
N HIS A 448 17.58 1.07 -6.21
CA HIS A 448 17.78 1.09 -7.66
C HIS A 448 16.94 0.08 -8.45
N THR A 449 16.66 -1.08 -7.85
CA THR A 449 15.84 -2.13 -8.49
C THR A 449 14.37 -1.74 -8.70
N TYR A 450 13.87 -0.76 -7.94
CA TYR A 450 12.46 -0.34 -8.06
C TYR A 450 12.33 0.98 -8.80
N LYS A 451 13.36 1.83 -8.70
CA LYS A 451 13.26 3.19 -9.22
C LYS A 451 14.52 3.69 -9.91
N TYR A 452 14.36 4.16 -11.14
CA TYR A 452 15.39 4.93 -11.83
C TYR A 452 15.65 6.23 -11.10
N PRO A 453 16.81 6.83 -11.35
CA PRO A 453 17.16 8.06 -10.61
C PRO A 453 16.18 9.19 -10.92
N GLU A 454 15.94 10.02 -9.92
CA GLU A 454 15.08 11.18 -10.09
C GLU A 454 15.70 12.13 -11.11
N GLY A 455 14.96 12.46 -12.14
CA GLY A 455 15.45 13.35 -13.18
C GLY A 455 15.96 12.58 -14.39
N SER A 456 16.37 11.33 -14.18
CA SER A 456 16.85 10.50 -15.26
C SER A 456 15.77 10.41 -16.34
N SER A 457 16.21 10.19 -17.57
CA SER A 457 15.28 10.06 -18.68
C SER A 457 14.59 8.71 -18.67
N GLU A 458 15.27 7.71 -18.11
CA GLU A 458 14.64 6.42 -17.88
C GLU A 458 13.46 6.54 -16.90
N GLU A 459 13.64 7.32 -15.84
CA GLU A 459 12.54 7.58 -14.92
C GLU A 459 11.32 8.19 -15.64
N ARG A 460 11.56 9.09 -16.59
CA ARG A 460 10.46 9.78 -17.27
C ARG A 460 9.70 8.87 -18.21
N GLU A 461 10.43 7.97 -18.86
CA GLU A 461 9.81 6.95 -19.71
C GLU A 461 8.92 6.01 -18.91
N ALA A 462 9.29 5.76 -17.66
CA ALA A 462 8.52 4.87 -16.81
C ALA A 462 7.21 5.51 -16.35
N PHE A 463 7.28 6.78 -15.95
CA PHE A 463 6.07 7.48 -15.53
C PHE A 463 5.11 7.54 -16.72
N THR A 464 5.69 7.57 -17.91
CA THR A 464 4.93 7.63 -19.15
C THR A 464 4.24 6.31 -19.52
N ARG A 465 4.98 5.21 -19.42
CA ARG A 465 4.36 3.91 -19.60
C ARG A 465 3.27 3.73 -18.53
N ALA A 466 3.56 4.19 -17.30
CA ALA A 466 2.66 4.00 -16.16
C ALA A 466 1.33 4.73 -16.30
N ASN A 467 1.34 6.05 -16.16
CA ASN A 467 0.14 6.85 -16.39
C ASN A 467 0.10 7.42 -17.81
N HIS A 468 -0.74 6.82 -18.64
CA HIS A 468 -0.85 7.19 -20.05
C HIS A 468 -1.09 8.69 -20.24
N THR A 478 -3.62 18.45 -21.37
CA THR A 478 -2.39 18.60 -20.58
C THR A 478 -2.40 17.70 -19.34
N GLY A 479 -3.41 17.86 -18.49
CA GLY A 479 -3.52 17.07 -17.28
C GLY A 479 -4.72 17.45 -16.43
N MET A 480 -4.61 17.22 -15.12
CA MET A 480 -5.67 17.58 -14.19
C MET A 480 -5.21 18.66 -13.20
N ALA A 481 -6.07 19.63 -12.90
CA ALA A 481 -5.72 20.73 -11.99
C ALA A 481 -6.81 21.08 -10.96
N MET A 482 -6.44 21.80 -9.91
CA MET A 482 -7.40 22.18 -8.87
C MET A 482 -7.10 23.54 -8.24
N ARG A 483 -8.09 24.42 -8.24
CA ARG A 483 -7.97 25.73 -7.59
C ARG A 483 -9.22 26.17 -6.85
N ILE A 484 -9.03 26.89 -5.75
CA ILE A 484 -10.13 27.43 -4.98
C ILE A 484 -10.72 28.64 -5.68
N ARG A 485 -12.01 28.55 -6.02
CA ARG A 485 -12.76 29.67 -6.56
C ARG A 485 -13.72 30.20 -5.53
N VAL A 486 -14.11 31.47 -5.68
CA VAL A 486 -15.13 32.07 -4.84
C VAL A 486 -16.05 32.88 -5.72
N GLY A 487 -15.46 33.69 -6.60
CA GLY A 487 -16.18 34.45 -7.60
C GLY A 487 -17.29 35.33 -7.06
N GLN A 488 -17.01 36.00 -5.94
CA GLN A 488 -18.04 36.74 -5.23
C GLN A 488 -17.40 37.59 -4.14
N SER A 489 -18.17 38.54 -3.60
CA SER A 489 -17.74 39.27 -2.42
C SER A 489 -18.14 38.49 -1.18
N MET A 490 -17.29 38.55 -0.16
CA MET A 490 -17.51 37.77 1.05
C MET A 490 -17.56 38.74 2.20
N ASN A 491 -18.75 39.00 2.66
CA ASN A 491 -18.95 40.05 3.63
C ASN A 491 -18.95 39.48 5.01
N MET A 492 -18.14 40.07 5.88
CA MET A 492 -18.23 39.78 7.29
C MET A 492 -19.72 39.75 7.65
N GLY A 493 -20.19 38.63 8.18
CA GLY A 493 -21.58 38.50 8.58
C GLY A 493 -22.40 37.53 7.74
N SER A 494 -22.00 37.30 6.50
CA SER A 494 -22.82 36.50 5.60
C SER A 494 -22.44 35.02 5.56
N ASP A 495 -23.28 34.21 4.93
CA ASP A 495 -22.89 32.85 4.59
C ASP A 495 -22.66 32.84 3.08
N PHE A 496 -21.75 31.98 2.62
CA PHE A 496 -21.37 31.93 1.22
C PHE A 496 -20.65 30.61 0.92
N ASP A 497 -20.62 30.23 -0.35
CA ASP A 497 -19.90 29.04 -0.80
C ASP A 497 -18.50 29.35 -1.33
N VAL A 498 -17.59 28.41 -1.08
CA VAL A 498 -16.31 28.34 -1.79
C VAL A 498 -16.28 27.06 -2.62
N PHE A 499 -15.49 27.06 -3.69
CA PHE A 499 -15.47 25.95 -4.61
C PHE A 499 -14.09 25.34 -4.83
N ALA A 500 -14.01 24.02 -4.74
CA ALA A 500 -12.88 23.29 -5.26
C ALA A 500 -13.16 23.11 -6.74
N HIS A 501 -12.42 23.83 -7.57
CA HIS A 501 -12.68 23.82 -9.00
C HIS A 501 -11.68 22.91 -9.68
N ILE A 502 -12.19 21.78 -10.16
CA ILE A 502 -11.35 20.70 -10.65
C ILE A 502 -11.51 20.49 -12.14
N THR A 503 -10.38 20.57 -12.85
CA THR A 503 -10.34 20.43 -14.29
C THR A 503 -9.61 19.15 -14.71
N ASN A 504 -10.28 18.34 -15.53
CA ASN A 504 -9.65 17.15 -16.09
C ASN A 504 -9.51 17.27 -17.60
N ASN A 505 -8.32 17.65 -18.05
CA ASN A 505 -8.06 17.84 -19.47
C ASN A 505 -7.35 16.67 -20.15
N THR A 506 -7.62 15.46 -19.66
CA THR A 506 -7.11 14.25 -20.28
C THR A 506 -8.30 13.39 -20.69
N ALA A 507 -8.03 12.36 -21.47
CA ALA A 507 -9.08 11.45 -21.91
C ALA A 507 -9.34 10.39 -20.85
N GLU A 508 -8.54 10.41 -19.79
CA GLU A 508 -8.69 9.41 -18.74
C GLU A 508 -9.79 9.79 -17.75
N GLU A 509 -10.49 8.78 -17.25
CA GLU A 509 -11.48 9.00 -16.22
C GLU A 509 -10.82 8.71 -14.87
N TYR A 510 -11.06 9.57 -13.89
CA TYR A 510 -10.44 9.45 -12.58
C TYR A 510 -11.49 9.31 -11.49
N VAL A 511 -11.25 8.38 -10.55
CA VAL A 511 -12.06 8.26 -9.35
C VAL A 511 -11.24 8.69 -8.14
N CYS A 512 -11.69 9.74 -7.46
CA CYS A 512 -10.85 10.40 -6.46
C CYS A 512 -11.55 10.59 -5.14
N ARG A 513 -10.73 10.82 -4.11
CA ARG A 513 -11.22 11.34 -2.85
C ARG A 513 -10.92 12.84 -2.82
N LEU A 514 -11.83 13.61 -2.25
CA LEU A 514 -11.63 15.04 -2.14
C LEU A 514 -11.94 15.50 -0.74
N LEU A 515 -10.97 16.14 -0.11
CA LEU A 515 -11.18 16.77 1.17
C LEU A 515 -11.04 18.28 0.94
N LEU A 516 -12.09 18.98 1.32
CA LEU A 516 -12.18 20.41 1.12
C LEU A 516 -12.62 21.02 2.44
N CYS A 517 -11.79 21.89 3.02
CA CYS A 517 -12.10 22.44 4.34
C CYS A 517 -11.54 23.85 4.59
N ALA A 518 -12.09 24.50 5.61
CA ALA A 518 -11.77 25.90 5.90
C ALA A 518 -11.43 26.06 7.36
N ARG A 519 -10.46 26.92 7.64
CA ARG A 519 -10.12 27.27 9.00
C ARG A 519 -9.89 28.78 9.04
N THR A 520 -10.16 29.42 10.17
CA THR A 520 -9.74 30.80 10.35
C THR A 520 -8.21 30.88 10.35
N VAL A 521 -7.67 31.86 9.65
CA VAL A 521 -6.22 32.08 9.61
C VAL A 521 -5.82 33.50 10.08
N SER A 522 -5.15 33.57 11.22
CA SER A 522 -4.68 34.84 11.76
C SER A 522 -3.73 35.55 10.80
N TYR A 523 -3.26 36.74 11.17
CA TYR A 523 -2.33 37.46 10.30
C TYR A 523 -0.91 36.87 10.37
N ASN A 524 -0.48 36.45 11.55
CA ASN A 524 0.81 35.78 11.65
C ASN A 524 0.84 34.39 10.99
N GLY A 525 -0.27 34.02 10.37
CA GLY A 525 -0.33 32.84 9.53
C GLY A 525 -0.77 31.57 10.24
N ILE A 526 -0.95 31.65 11.55
CA ILE A 526 -1.37 30.48 12.32
C ILE A 526 -2.83 30.14 12.04
N LEU A 527 -3.10 28.86 11.82
CA LEU A 527 -4.44 28.39 11.54
C LEU A 527 -5.24 28.24 12.83
N GLY A 528 -6.37 28.92 12.91
CA GLY A 528 -7.29 28.75 14.03
C GLY A 528 -8.22 27.59 13.77
N PRO A 529 -9.27 27.45 14.58
CA PRO A 529 -10.28 26.40 14.43
C PRO A 529 -10.94 26.34 13.05
N GLU A 530 -11.37 25.12 12.70
CA GLU A 530 -12.02 24.82 11.42
C GLU A 530 -13.45 25.37 11.34
N CYS A 531 -13.86 25.86 10.18
CA CYS A 531 -15.21 26.42 10.05
C CYS A 531 -15.94 25.92 8.82
N GLY A 532 -15.76 24.63 8.51
CA GLY A 532 -16.46 24.02 7.40
C GLY A 532 -15.59 22.93 6.81
N THR A 533 -16.17 21.75 6.58
CA THR A 533 -15.49 20.61 5.96
C THR A 533 -16.43 19.83 5.03
N LYS A 534 -15.87 19.35 3.92
CA LYS A 534 -16.56 18.42 3.02
C LYS A 534 -15.60 17.32 2.56
N TYR A 535 -16.12 16.09 2.54
CA TYR A 535 -15.30 14.95 2.15
C TYR A 535 -16.08 14.04 1.22
N LEU A 536 -15.53 13.79 0.04
CA LEU A 536 -16.10 12.85 -0.92
C LEU A 536 -15.17 11.66 -1.08
N LEU A 537 -15.67 10.48 -0.73
CA LEU A 537 -14.92 9.26 -0.91
C LEU A 537 -14.90 8.88 -2.38
N ASN A 538 -15.97 9.22 -3.09
CA ASN A 538 -16.10 8.89 -4.50
C ASN A 538 -16.40 10.12 -5.32
N LEU A 539 -15.41 10.60 -6.05
CA LEU A 539 -15.62 11.75 -6.88
C LEU A 539 -15.18 11.36 -8.26
N ASN A 540 -16.13 11.36 -9.18
CA ASN A 540 -15.88 10.92 -10.54
C ASN A 540 -15.65 12.08 -11.51
N LEU A 541 -14.58 11.99 -12.28
CA LEU A 541 -14.28 13.01 -13.28
C LEU A 541 -14.14 12.43 -14.68
N GLU A 542 -15.19 12.59 -15.47
CA GLU A 542 -15.20 12.14 -16.85
C GLU A 542 -14.09 12.79 -17.67
N PRO A 543 -13.73 12.16 -18.79
CA PRO A 543 -12.74 12.71 -19.72
C PRO A 543 -13.06 14.14 -20.12
N PHE A 544 -12.07 15.03 -20.05
CA PHE A 544 -12.21 16.40 -20.52
C PHE A 544 -13.43 17.10 -19.96
N SER A 545 -13.59 17.04 -18.64
CA SER A 545 -14.71 17.70 -17.99
C SER A 545 -14.18 18.54 -16.85
N GLU A 546 -15.09 19.14 -16.08
CA GLU A 546 -14.70 19.92 -14.92
C GLU A 546 -15.82 19.94 -13.90
N LYS A 547 -15.49 20.24 -12.65
CA LYS A 547 -16.48 20.30 -11.58
C LYS A 547 -16.12 21.43 -10.65
N SER A 548 -17.13 22.12 -10.14
CA SER A 548 -16.90 23.05 -9.05
C SER A 548 -17.56 22.48 -7.83
N VAL A 549 -16.76 21.97 -6.91
CA VAL A 549 -17.29 21.35 -5.71
C VAL A 549 -17.43 22.34 -4.58
N PRO A 550 -18.67 22.58 -4.12
CA PRO A 550 -18.99 23.57 -3.09
C PRO A 550 -18.83 23.14 -1.63
N LEU A 551 -18.40 24.09 -0.82
CA LEU A 551 -18.44 24.01 0.62
C LEU A 551 -19.12 25.30 1.09
N CYS A 552 -20.16 25.18 1.89
CA CYS A 552 -20.80 26.36 2.45
C CYS A 552 -20.06 26.84 3.68
N ILE A 553 -19.69 28.12 3.69
CA ILE A 553 -19.09 28.76 4.85
C ILE A 553 -20.12 29.61 5.58
N LEU A 554 -20.31 29.34 6.87
CA LEU A 554 -21.42 29.94 7.63
C LEU A 554 -20.96 30.86 8.76
N TYR A 555 -21.65 31.99 8.85
CA TYR A 555 -21.37 32.95 9.91
C TYR A 555 -21.36 32.25 11.25
N GLU A 556 -22.35 31.40 11.49
CA GLU A 556 -22.47 30.76 12.80
C GLU A 556 -21.22 29.99 13.19
N LYS A 557 -20.57 29.42 12.18
CA LYS A 557 -19.39 28.60 12.41
C LYS A 557 -18.11 29.44 12.45
N TYR A 558 -18.04 30.49 11.64
CA TYR A 558 -16.84 31.32 11.64
C TYR A 558 -16.88 32.51 12.61
N ARG A 559 -18.07 33.07 12.83
CA ARG A 559 -18.23 34.28 13.65
C ARG A 559 -17.22 34.42 14.79
N ASP A 560 -17.15 33.40 15.64
CA ASP A 560 -16.44 33.55 16.91
C ASP A 560 -15.01 33.00 16.88
N CYS A 561 -14.73 32.12 15.92
CA CYS A 561 -13.38 31.57 15.77
C CYS A 561 -12.49 32.45 14.89
N LEU A 562 -13.02 33.62 14.48
CA LEU A 562 -12.25 34.57 13.67
C LEU A 562 -11.04 35.16 14.40
N THR A 563 -10.12 35.72 13.62
CA THR A 563 -8.93 36.37 14.16
C THR A 563 -8.94 37.86 13.83
N GLU A 564 -7.92 38.56 14.33
CA GLU A 564 -7.79 39.98 14.10
C GLU A 564 -7.84 40.28 12.59
N SER A 565 -7.61 39.24 11.79
CA SER A 565 -7.42 39.39 10.36
C SER A 565 -8.70 39.45 9.51
N ASN A 566 -9.76 38.79 9.98
CA ASN A 566 -10.91 38.57 9.11
C ASN A 566 -10.57 37.58 8.02
N LEU A 567 -9.65 36.66 8.32
CA LEU A 567 -9.12 35.77 7.29
C LEU A 567 -9.50 34.31 7.50
N ILE A 568 -9.85 33.64 6.40
CA ILE A 568 -10.14 32.22 6.43
C ILE A 568 -9.31 31.53 5.36
N LYS A 569 -8.65 30.43 5.71
CA LYS A 569 -7.92 29.68 4.69
C LYS A 569 -8.72 28.48 4.20
N VAL A 570 -8.84 28.37 2.88
CA VAL A 570 -9.47 27.22 2.27
C VAL A 570 -8.37 26.31 1.75
N ARG A 571 -8.39 25.05 2.18
CA ARG A 571 -7.48 24.04 1.66
C ARG A 571 -8.24 22.84 1.09
N ALA A 572 -7.83 22.44 -0.11
CA ALA A 572 -8.36 21.25 -0.76
C ALA A 572 -7.26 20.24 -1.08
N LEU A 573 -7.60 18.96 -1.06
CA LEU A 573 -6.68 17.89 -1.40
C LEU A 573 -7.44 16.92 -2.28
N LEU A 574 -6.92 16.67 -3.47
CA LEU A 574 -7.55 15.71 -4.33
C LEU A 574 -6.65 14.49 -4.45
N VAL A 575 -7.19 13.33 -4.12
CA VAL A 575 -6.41 12.09 -4.11
C VAL A 575 -6.88 11.07 -5.15
N GLU A 576 -5.93 10.58 -5.93
CA GLU A 576 -6.19 9.51 -6.89
C GLU A 576 -5.35 8.29 -6.51
N PRO A 577 -5.96 7.34 -5.81
CA PRO A 577 -5.27 6.30 -5.04
C PRO A 577 -4.59 5.21 -5.87
N VAL A 578 -5.06 4.96 -7.07
CA VAL A 578 -4.47 3.92 -7.89
C VAL A 578 -3.02 4.25 -8.20
N ILE A 579 -2.81 5.37 -8.89
CA ILE A 579 -1.46 5.76 -9.27
C ILE A 579 -0.77 6.56 -8.17
N ASN A 580 -1.49 6.82 -7.08
CA ASN A 580 -0.95 7.54 -5.92
C ASN A 580 -0.63 9.02 -6.20
N SER A 581 -1.55 9.73 -6.85
CA SER A 581 -1.35 11.15 -7.18
C SER A 581 -2.15 12.05 -6.25
N TYR A 582 -1.55 13.17 -5.86
CA TYR A 582 -2.16 14.14 -4.93
C TYR A 582 -2.13 15.56 -5.51
N LEU A 583 -3.25 16.26 -5.39
CA LEU A 583 -3.34 17.67 -5.79
C LEU A 583 -3.75 18.56 -4.63
N LEU A 584 -2.92 19.55 -4.35
CA LEU A 584 -3.16 20.48 -3.25
C LEU A 584 -3.47 21.84 -3.81
N ALA A 585 -4.51 22.46 -3.26
CA ALA A 585 -4.92 23.83 -3.61
C ALA A 585 -5.29 24.59 -2.34
N GLU A 586 -4.66 25.75 -2.17
CA GLU A 586 -4.83 26.55 -0.98
C GLU A 586 -5.28 27.95 -1.38
N ARG A 587 -6.01 28.61 -0.50
CA ARG A 587 -6.40 29.99 -0.76
C ARG A 587 -6.96 30.69 0.47
N ASP A 588 -6.39 31.85 0.77
CA ASP A 588 -6.84 32.69 1.87
C ASP A 588 -7.90 33.63 1.36
N LEU A 589 -8.91 33.90 2.21
CA LEU A 589 -10.03 34.77 1.85
C LEU A 589 -10.22 35.90 2.84
N TYR A 590 -10.54 37.08 2.34
CA TYR A 590 -10.67 38.25 3.21
C TYR A 590 -12.13 38.63 3.40
N LEU A 591 -12.63 38.55 4.63
CA LEU A 591 -14.03 38.92 4.86
C LEU A 591 -14.13 40.43 5.07
N GLU A 592 -14.73 41.11 4.09
CA GLU A 592 -14.74 42.57 4.13
C GLU A 592 -15.82 43.16 5.03
N ASN A 593 -15.53 44.33 5.57
CA ASN A 593 -16.47 45.08 6.39
C ASN A 593 -17.48 45.78 5.48
N PRO A 594 -18.68 46.07 6.00
CA PRO A 594 -19.61 46.79 5.13
C PRO A 594 -19.03 48.14 4.70
N GLU A 595 -19.45 48.64 3.53
CA GLU A 595 -19.01 49.94 3.04
C GLU A 595 -19.84 51.08 3.67
N ILE A 596 -19.17 52.14 4.08
CA ILE A 596 -19.88 53.27 4.66
C ILE A 596 -20.28 54.22 3.55
N LYS A 597 -21.59 54.36 3.35
CA LYS A 597 -22.11 55.21 2.29
C LYS A 597 -22.00 56.65 2.75
N ILE A 598 -21.39 57.48 1.92
CA ILE A 598 -21.28 58.89 2.26
C ILE A 598 -21.82 59.74 1.12
N ARG A 599 -22.86 60.52 1.44
CA ARG A 599 -23.49 61.41 0.47
C ARG A 599 -23.32 62.87 0.86
N ILE A 600 -22.86 63.66 -0.11
CA ILE A 600 -22.78 65.11 0.09
C ILE A 600 -24.04 65.73 -0.50
N LEU A 601 -24.60 66.69 0.21
CA LEU A 601 -25.81 67.35 -0.24
C LEU A 601 -25.58 68.84 -0.28
N GLY A 602 -25.68 69.42 -1.47
CA GLY A 602 -25.59 70.87 -1.61
C GLY A 602 -24.60 71.31 -2.65
N GLU A 603 -24.58 72.61 -2.93
CA GLU A 603 -23.67 73.19 -3.92
C GLU A 603 -22.23 73.19 -3.42
N PRO A 604 -21.30 72.78 -4.30
CA PRO A 604 -19.86 72.71 -3.98
C PRO A 604 -19.14 74.05 -4.17
N LYS A 605 -19.89 75.11 -4.48
CA LYS A 605 -19.28 76.43 -4.67
C LYS A 605 -18.44 76.85 -3.46
N GLN A 606 -17.34 77.54 -3.75
CA GLN A 606 -16.37 77.95 -2.73
C GLN A 606 -17.01 78.65 -1.51
N LYS A 607 -17.06 77.92 -0.40
CA LYS A 607 -17.51 78.46 0.89
C LYS A 607 -19.03 78.56 1.05
N ARG A 608 -19.77 77.76 0.29
CA ARG A 608 -21.20 77.61 0.50
C ARG A 608 -21.42 76.45 1.47
N LYS A 609 -22.64 76.33 2.02
CA LYS A 609 -22.94 75.25 2.97
C LYS A 609 -23.15 73.88 2.29
N LEU A 610 -22.89 72.81 3.04
CA LEU A 610 -23.01 71.45 2.54
C LEU A 610 -23.36 70.48 3.67
N VAL A 611 -24.14 69.44 3.35
CA VAL A 611 -24.56 68.46 4.35
C VAL A 611 -24.06 67.07 4.00
N ALA A 612 -23.54 66.35 4.98
CA ALA A 612 -23.03 65.03 4.74
C ALA A 612 -23.96 63.98 5.32
N GLU A 613 -24.36 63.04 4.47
CA GLU A 613 -25.22 61.96 4.86
C GLU A 613 -24.33 60.72 4.93
N VAL A 614 -24.25 60.11 6.11
CA VAL A 614 -23.42 58.92 6.29
C VAL A 614 -24.22 57.73 6.82
N SER A 615 -24.08 56.59 6.14
CA SER A 615 -24.88 55.41 6.49
C SER A 615 -24.13 54.09 6.32
N LEU A 616 -24.62 53.09 7.03
CA LEU A 616 -24.08 51.75 6.99
C LEU A 616 -25.21 50.75 7.16
N GLN A 617 -25.16 49.69 6.36
CA GLN A 617 -26.15 48.61 6.50
C GLN A 617 -25.57 47.43 7.27
N ASN A 618 -26.15 47.16 8.43
CA ASN A 618 -25.75 46.05 9.27
C ASN A 618 -25.66 44.74 8.47
N PRO A 619 -24.48 44.10 8.45
CA PRO A 619 -24.22 42.90 7.63
C PRO A 619 -24.47 41.66 8.47
N LEU A 620 -24.47 41.85 9.78
CA LEU A 620 -24.72 40.77 10.69
C LEU A 620 -26.19 40.35 10.64
N PRO A 621 -26.43 39.06 10.93
CA PRO A 621 -27.78 38.53 11.12
C PRO A 621 -28.22 38.74 12.57
N VAL A 622 -27.37 39.41 13.34
CA VAL A 622 -27.73 39.82 14.70
C VAL A 622 -27.79 41.35 14.81
N ALA A 623 -27.93 41.86 16.03
CA ALA A 623 -28.14 43.29 16.23
C ALA A 623 -26.88 44.01 16.72
N LEU A 624 -26.64 45.20 16.17
CA LEU A 624 -25.53 46.04 16.63
C LEU A 624 -25.97 46.97 17.76
N GLU A 625 -25.13 47.07 18.80
CA GLU A 625 -25.40 47.94 19.92
C GLU A 625 -24.27 48.94 20.16
N GLY A 626 -24.60 50.06 20.81
CA GLY A 626 -23.64 51.11 21.06
C GLY A 626 -22.98 51.60 19.79
N CYS A 627 -23.80 51.90 18.78
CA CYS A 627 -23.29 52.35 17.50
C CYS A 627 -22.96 53.83 17.51
N THR A 628 -21.76 54.17 17.03
CA THR A 628 -21.35 55.56 16.97
C THR A 628 -20.53 55.79 15.71
N PHE A 629 -20.87 56.85 14.99
CA PHE A 629 -20.05 57.32 13.89
C PHE A 629 -19.16 58.45 14.37
N THR A 630 -17.96 58.52 13.82
CA THR A 630 -17.06 59.63 14.06
C THR A 630 -16.71 60.18 12.68
N VAL A 631 -16.89 61.49 12.51
CA VAL A 631 -16.60 62.15 11.24
C VAL A 631 -15.70 63.36 11.43
N GLU A 632 -14.70 63.48 10.58
CA GLU A 632 -13.87 64.67 10.56
C GLU A 632 -13.28 64.91 9.16
N GLY A 633 -12.62 66.05 8.98
CA GLY A 633 -11.96 66.34 7.73
C GLY A 633 -11.58 67.81 7.60
N ALA A 634 -10.30 68.07 7.80
CA ALA A 634 -9.78 69.43 7.67
C ALA A 634 -10.11 69.97 6.28
N GLY A 635 -10.73 71.14 6.24
CA GLY A 635 -11.14 71.76 4.99
C GLY A 635 -12.64 71.73 4.81
N LEU A 636 -13.31 70.86 5.58
CA LEU A 636 -14.75 70.70 5.54
C LEU A 636 -15.38 71.04 6.89
N THR A 637 -14.96 70.33 7.93
CA THR A 637 -15.38 70.69 9.27
C THR A 637 -14.16 70.94 10.16
N GLU A 638 -14.36 71.82 11.14
CA GLU A 638 -13.27 72.25 12.02
C GLU A 638 -13.37 71.51 13.34
N GLU A 639 -14.57 71.00 13.62
CA GLU A 639 -14.79 70.24 14.84
C GLU A 639 -15.00 68.76 14.50
N GLN A 640 -14.76 67.88 15.47
CA GLN A 640 -15.02 66.46 15.29
C GLN A 640 -16.43 66.11 15.76
N LYS A 641 -17.28 65.67 14.84
CA LYS A 641 -18.64 65.29 15.17
C LYS A 641 -18.70 63.82 15.58
N THR A 642 -19.33 63.55 16.72
CA THR A 642 -19.55 62.19 17.20
C THR A 642 -21.02 62.03 17.50
N VAL A 643 -21.69 61.13 16.80
CA VAL A 643 -23.09 60.90 17.11
C VAL A 643 -23.37 59.48 17.58
N GLU A 644 -23.92 59.38 18.78
CA GLU A 644 -24.33 58.10 19.37
C GLU A 644 -25.63 57.63 18.72
N ILE A 645 -25.79 56.31 18.64
CA ILE A 645 -27.05 55.69 18.22
C ILE A 645 -27.72 55.11 19.46
N PRO A 646 -28.87 55.67 19.86
CA PRO A 646 -29.55 55.25 21.08
C PRO A 646 -29.98 53.77 21.06
N ASP A 647 -30.71 53.39 20.01
CA ASP A 647 -31.29 52.05 19.93
C ASP A 647 -30.43 51.06 19.12
N PRO A 648 -30.46 49.78 19.51
CA PRO A 648 -29.78 48.69 18.79
C PRO A 648 -30.18 48.67 17.32
N VAL A 649 -29.19 48.57 16.43
CA VAL A 649 -29.46 48.50 15.00
C VAL A 649 -29.70 47.05 14.58
N GLU A 650 -30.91 46.76 14.12
CA GLU A 650 -31.30 45.38 13.86
C GLU A 650 -30.61 44.81 12.63
N ALA A 651 -30.44 43.50 12.62
CA ALA A 651 -29.82 42.79 11.51
C ALA A 651 -30.41 43.22 10.18
N GLY A 652 -29.56 43.44 9.19
CA GLY A 652 -29.99 43.78 7.85
C GLY A 652 -30.43 45.22 7.69
N GLU A 653 -30.54 45.94 8.81
CA GLU A 653 -31.10 47.28 8.82
C GLU A 653 -30.06 48.40 8.63
N GLU A 654 -30.44 49.44 7.90
CA GLU A 654 -29.57 50.57 7.63
C GLU A 654 -29.52 51.52 8.82
N VAL A 655 -28.61 52.49 8.77
CA VAL A 655 -28.49 53.46 9.85
C VAL A 655 -27.84 54.75 9.33
N LYS A 656 -28.57 55.86 9.49
CA LYS A 656 -28.18 57.14 8.90
C LYS A 656 -27.98 58.24 9.94
N VAL A 657 -26.97 59.07 9.73
CA VAL A 657 -26.82 60.31 10.47
C VAL A 657 -26.29 61.36 9.48
N ARG A 658 -26.48 62.65 9.79
CA ARG A 658 -26.02 63.74 8.91
C ARG A 658 -25.18 64.77 9.63
N MET A 659 -24.26 65.41 8.91
CA MET A 659 -23.42 66.45 9.48
C MET A 659 -23.28 67.64 8.55
N ASP A 660 -23.60 68.82 9.08
CA ASP A 660 -23.41 70.08 8.37
C ASP A 660 -21.93 70.37 8.26
N LEU A 661 -21.51 70.77 7.07
CA LEU A 661 -20.11 71.06 6.80
C LEU A 661 -19.99 72.44 6.17
N LEU A 662 -18.78 72.99 6.20
CA LEU A 662 -18.54 74.36 5.74
C LEU A 662 -17.25 74.47 4.94
N PRO A 663 -17.28 74.03 3.67
CA PRO A 663 -16.08 74.19 2.84
C PRO A 663 -15.59 75.63 2.89
N LEU A 664 -14.30 75.84 2.61
CA LEU A 664 -13.71 77.14 2.86
C LEU A 664 -12.71 77.49 1.79
N HIS A 665 -12.22 76.48 1.09
CA HIS A 665 -11.24 76.68 0.04
C HIS A 665 -11.59 75.82 -1.17
N MET A 666 -11.30 76.36 -2.35
CA MET A 666 -11.54 75.65 -3.60
C MET A 666 -10.61 74.45 -3.75
N GLY A 667 -11.15 73.34 -4.20
CA GLY A 667 -10.35 72.15 -4.46
C GLY A 667 -10.79 70.95 -3.64
N LEU A 668 -9.97 69.90 -3.71
CA LEU A 668 -10.30 68.61 -3.12
C LEU A 668 -10.15 68.56 -1.60
N HIS A 669 -11.23 68.13 -0.93
CA HIS A 669 -11.20 67.83 0.49
C HIS A 669 -11.83 66.45 0.75
N LYS A 670 -11.20 65.62 1.59
CA LYS A 670 -11.74 64.32 1.98
C LYS A 670 -12.44 64.34 3.33
N LEU A 671 -13.67 63.89 3.36
CA LEU A 671 -14.33 63.64 4.62
C LEU A 671 -13.95 62.22 5.02
N VAL A 672 -13.77 61.98 6.31
CA VAL A 672 -13.28 60.70 6.81
C VAL A 672 -14.20 60.26 7.92
N VAL A 673 -14.49 58.97 7.97
CA VAL A 673 -15.51 58.47 8.90
C VAL A 673 -15.07 57.19 9.60
N ASN A 674 -15.31 57.10 10.90
CA ASN A 674 -15.16 55.86 11.63
C ASN A 674 -16.53 55.42 12.11
N PHE A 675 -16.79 54.12 12.09
CA PHE A 675 -18.00 53.56 12.69
C PHE A 675 -17.62 52.51 13.71
N GLU A 676 -18.21 52.63 14.89
CA GLU A 676 -17.89 51.76 16.02
C GLU A 676 -19.17 51.07 16.51
N SER A 677 -19.01 49.87 17.06
CA SER A 677 -20.11 49.16 17.69
C SER A 677 -19.60 48.01 18.55
N ASP A 678 -20.50 47.32 19.24
CA ASP A 678 -20.11 46.27 20.17
C ASP A 678 -19.50 45.05 19.49
N LYS A 679 -19.96 44.75 18.27
CA LYS A 679 -19.55 43.53 17.57
C LYS A 679 -18.86 43.82 16.25
N LEU A 680 -19.02 45.04 15.76
CA LEU A 680 -18.37 45.45 14.53
C LEU A 680 -17.55 46.71 14.79
N LYS A 681 -16.23 46.57 14.73
CA LYS A 681 -15.36 47.63 15.19
C LYS A 681 -14.50 48.28 14.11
N ALA A 682 -14.21 49.57 14.34
CA ALA A 682 -13.30 50.34 13.52
C ALA A 682 -13.54 50.24 12.01
N VAL A 683 -14.80 50.40 11.58
CA VAL A 683 -15.11 50.38 10.16
C VAL A 683 -14.94 51.78 9.58
N LYS A 684 -14.26 51.90 8.44
CA LYS A 684 -13.90 53.22 7.94
C LYS A 684 -14.48 53.52 6.57
N GLY A 685 -14.54 54.80 6.22
CA GLY A 685 -14.91 55.23 4.89
C GLY A 685 -14.46 56.67 4.69
N PHE A 686 -14.52 57.13 3.44
CA PHE A 686 -14.13 58.50 3.10
C PHE A 686 -14.90 58.94 1.87
N ARG A 687 -14.85 60.25 1.61
CA ARG A 687 -15.56 60.82 0.47
C ARG A 687 -14.79 62.03 -0.05
N ASN A 688 -14.37 61.98 -1.31
CA ASN A 688 -13.83 63.15 -1.96
C ASN A 688 -14.91 64.18 -2.22
N VAL A 689 -14.55 65.46 -2.06
CA VAL A 689 -15.42 66.56 -2.43
C VAL A 689 -14.61 67.64 -3.12
N ILE A 690 -15.10 68.14 -4.24
CA ILE A 690 -14.42 69.23 -4.95
C ILE A 690 -15.24 70.51 -4.82
N ILE A 691 -14.54 71.63 -4.66
CA ILE A 691 -15.16 72.91 -4.39
C ILE A 691 -14.90 73.92 -5.52
N GLY A 692 -15.79 74.90 -5.68
CA GLY A 692 -15.66 75.88 -6.76
C GLY A 692 -15.96 77.30 -6.33
N VAL B 3 3.23 3.75 11.64
CA VAL B 3 2.27 4.78 12.04
C VAL B 3 2.06 5.47 10.70
N PRO B 4 0.76 6.15 10.50
CA PRO B 4 0.41 6.84 9.30
C PRO B 4 1.42 7.90 9.14
N LEU B 5 1.94 8.25 7.82
CA LEU B 5 2.91 9.31 7.76
C LEU B 5 2.12 10.54 7.54
#